data_9ETB
#
_entry.id   9ETB
#
_cell.length_a   74.151
_cell.length_b   133.667
_cell.length_c   147.94
_cell.angle_alpha   90
_cell.angle_beta   90
_cell.angle_gamma   90
#
_symmetry.space_group_name_H-M   'P 21 21 21'
#
loop_
_entity.id
_entity.type
_entity.pdbx_description
1 polymer Cyclin-A2
2 polymer 'Cyclin-dependent kinase 2'
3 non-polymer 4-IODOPYRAZOLE
4 non-polymer '4-(2-HYDROXYETHYL)-1-PIPERAZINE ETHANESULFONIC ACID'
5 water water
#
loop_
_entity_poly.entity_id
_entity_poly.type
_entity_poly.pdbx_seq_one_letter_code
_entity_poly.pdbx_strand_id
1 'polypeptide(L)'
;GVNEVPDYHEDIHTYLREMEVKCKPKVGYMKKQPDITNSMRAILVDWLVEVGEEYKLQNETLHLAVNYIDRFLSSMSVLR
GKLQLVGTAAMLLASKFEEIYPPEVAEFVYITDDTYTKKQVLRMEHLVLKVLAFDLAAPTINQFLTQYFLHQQPANCKVE
SLAMFLGELSLIDADPYLKYLPSVIAAAAFHLALYTVTGQSWPESLVQKTGYTLETLKPCLLDLHQTYLRAPQHAQQSIR
EKYKNSKYHGVSLLNPPETLNVHHHHHH
;
D,B
2 'polypeptide(L)'
;GPGSMENFQKVEKIGEGTYGVVYKARNKLTGEVVALKKIRLDTETEGVPSTAIREISLLKELNHPNIVKLLDVIHTENKL
YLVFEFLHQDLKKFMDASALTGIPLPLIKSYLFQLLQGLAFCHSHRVLHRDLKPQNLLINTEGAIKLADFGLARAFGVPV
RTY(TPO)HEVVTLWYRAPEILLGCKYYSTAVDIWSLGCIFAEMVTRRALFPGDSEIDQLFRIFRTLGTPDEVVWPGVTS
MPDYKPSFPKWARQDFSKVVPPLDEDGRSLLSQMLHYDPNKRISAKAALAHPFFQDVTKPVPHLRL
;
A,C
#
loop_
_chem_comp.id
_chem_comp.type
_chem_comp.name
_chem_comp.formula
EPE non-polymer '4-(2-HYDROXYETHYL)-1-PIPERAZINE ETHANESULFONIC ACID' 'C8 H18 N2 O4 S'
PYZ non-polymer 4-IODOPYRAZOLE 'C3 H3 I N2'
#
# COMPACT_ATOMS: atom_id res chain seq x y z
N GLY A 1 -20.10 -23.28 24.49
CA GLY A 1 -18.83 -24.04 24.61
C GLY A 1 -17.72 -23.38 23.79
N VAL A 2 -16.76 -24.19 23.37
CA VAL A 2 -15.58 -23.69 22.68
C VAL A 2 -15.90 -23.41 21.21
N ASN A 3 -17.07 -23.90 20.78
CA ASN A 3 -17.56 -23.62 19.44
C ASN A 3 -17.91 -22.14 19.32
N GLU A 4 -18.08 -21.46 20.45
CA GLU A 4 -18.37 -20.03 20.54
C GLU A 4 -17.12 -19.24 20.94
N VAL A 5 -15.98 -19.94 20.94
CA VAL A 5 -14.67 -19.39 21.27
C VAL A 5 -14.81 -18.27 22.31
N PRO A 6 -15.17 -18.63 23.57
CA PRO A 6 -15.35 -17.67 24.65
C PRO A 6 -14.18 -16.70 24.88
N ASP A 7 -12.96 -17.24 24.84
CA ASP A 7 -11.76 -16.48 25.21
C ASP A 7 -11.32 -15.55 24.08
N TYR A 8 -11.88 -15.69 22.86
CA TYR A 8 -11.34 -15.00 21.70
C TYR A 8 -12.41 -14.22 20.92
N HIS A 9 -13.69 -14.30 21.32
CA HIS A 9 -14.78 -13.68 20.57
C HIS A 9 -14.65 -12.15 20.52
N GLU A 10 -14.01 -11.54 21.52
CA GLU A 10 -13.89 -10.08 21.50
C GLU A 10 -12.69 -9.65 20.69
N ASP A 11 -11.55 -10.34 20.89
CA ASP A 11 -10.30 -10.04 20.19
C ASP A 11 -10.52 -10.09 18.68
N ILE A 12 -11.27 -11.13 18.26
CA ILE A 12 -11.65 -11.42 16.89
C ILE A 12 -12.53 -10.30 16.36
N HIS A 13 -13.49 -9.82 17.18
CA HIS A 13 -14.42 -8.78 16.79
C HIS A 13 -13.64 -7.47 16.59
N THR A 14 -12.72 -7.14 17.51
CA THR A 14 -11.84 -6.00 17.31
C THR A 14 -11.17 -6.09 15.93
N TYR A 15 -10.52 -7.21 15.65
CA TYR A 15 -9.69 -7.37 14.47
C TYR A 15 -10.56 -7.25 13.21
N LEU A 16 -11.70 -7.94 13.23
CA LEU A 16 -12.58 -7.95 12.05
C LEU A 16 -13.07 -6.52 11.77
N ARG A 17 -13.32 -5.72 12.75
CA ARG A 17 -13.79 -4.33 12.56
C ARG A 17 -12.65 -3.47 11.99
N GLU A 18 -11.34 -3.89 12.32
CA GLU A 18 -10.20 -3.15 11.75
C GLU A 18 -10.01 -3.61 10.32
N MET A 19 -10.07 -4.93 10.11
CA MET A 19 -9.88 -5.47 8.78
C MET A 19 -10.98 -5.01 7.82
N GLU A 20 -12.22 -4.86 8.35
CA GLU A 20 -13.36 -4.46 7.53
C GLU A 20 -13.09 -3.08 6.94
N VAL A 21 -12.42 -2.22 7.71
CA VAL A 21 -12.03 -0.90 7.23
C VAL A 21 -10.98 -1.05 6.15
N LYS A 22 -10.01 -1.94 6.34
CA LYS A 22 -8.90 -2.13 5.40
C LYS A 22 -9.37 -2.78 4.09
N CYS A 23 -10.27 -3.77 4.16
CA CYS A 23 -10.74 -4.48 2.97
C CYS A 23 -11.83 -3.71 2.22
N LYS A 24 -11.97 -2.39 2.45
CA LYS A 24 -13.19 -1.70 2.05
C LYS A 24 -13.07 -1.23 0.60
N PRO A 25 -14.10 -1.44 -0.28
CA PRO A 25 -14.06 -0.99 -1.68
C PRO A 25 -14.16 0.53 -1.68
N LYS A 26 -13.87 1.14 -2.82
CA LYS A 26 -13.93 2.62 -2.95
C LYS A 26 -15.37 3.05 -3.26
N VAL A 27 -15.99 3.79 -2.35
CA VAL A 27 -17.36 4.28 -2.55
C VAL A 27 -17.47 4.96 -3.91
N GLY A 28 -18.45 4.57 -4.74
CA GLY A 28 -18.64 5.15 -6.06
C GLY A 28 -17.47 4.95 -7.03
N TYR A 29 -16.78 3.80 -6.95
CA TYR A 29 -15.86 3.33 -7.96
C TYR A 29 -16.62 3.23 -9.28
N MET A 30 -17.95 3.12 -9.22
CA MET A 30 -18.65 2.93 -10.46
C MET A 30 -18.61 4.21 -11.31
N LYS A 31 -18.45 5.37 -10.67
CA LYS A 31 -18.41 6.58 -11.48
C LYS A 31 -17.13 6.61 -12.32
N LYS A 32 -16.08 5.93 -11.85
CA LYS A 32 -14.78 5.95 -12.52
C LYS A 32 -14.69 4.86 -13.57
N GLN A 33 -15.66 3.92 -13.54
CA GLN A 33 -15.77 2.81 -14.47
C GLN A 33 -16.51 3.26 -15.72
N PRO A 34 -15.82 3.55 -16.85
CA PRO A 34 -16.46 4.14 -18.02
C PRO A 34 -17.62 3.34 -18.60
N ASP A 35 -17.52 2.01 -18.59
CA ASP A 35 -18.38 1.16 -19.40
C ASP A 35 -19.42 0.40 -18.57
N ILE A 36 -19.13 0.09 -17.30
CA ILE A 36 -20.09 -0.64 -16.49
C ILE A 36 -20.79 0.31 -15.52
N THR A 37 -21.96 -0.14 -15.00
CA THR A 37 -22.83 0.67 -14.17
C THR A 37 -23.32 -0.13 -12.96
N ASN A 38 -23.91 0.57 -11.98
CA ASN A 38 -24.47 -0.06 -10.78
C ASN A 38 -25.52 -1.11 -11.17
N SER A 39 -26.33 -0.77 -12.17
CA SER A 39 -27.39 -1.68 -12.59
C SER A 39 -26.79 -2.99 -13.09
N MET A 40 -25.70 -2.88 -13.86
CA MET A 40 -24.95 -4.04 -14.36
C MET A 40 -24.43 -4.93 -13.21
N ARG A 41 -23.80 -4.30 -12.20
CA ARG A 41 -23.35 -4.96 -10.99
C ARG A 41 -24.51 -5.67 -10.28
N ALA A 42 -25.72 -5.11 -10.32
CA ALA A 42 -26.85 -5.76 -9.69
C ALA A 42 -27.19 -7.07 -10.41
N ILE A 43 -27.17 -7.08 -11.75
CA ILE A 43 -27.34 -8.31 -12.53
C ILE A 43 -26.30 -9.37 -12.15
N LEU A 44 -25.05 -8.95 -11.99
CA LEU A 44 -23.99 -9.86 -11.60
C LEU A 44 -24.23 -10.48 -10.23
N VAL A 45 -24.45 -9.62 -9.24
CA VAL A 45 -24.51 -10.13 -7.89
C VAL A 45 -25.70 -11.08 -7.79
N ASP A 46 -26.81 -10.69 -8.40
CA ASP A 46 -27.98 -11.55 -8.42
C ASP A 46 -27.63 -12.90 -9.05
N TRP A 47 -26.89 -12.87 -10.17
CA TRP A 47 -26.44 -14.10 -10.79
C TRP A 47 -25.57 -14.92 -9.83
N LEU A 48 -24.75 -14.25 -9.03
CA LEU A 48 -23.92 -14.99 -8.10
C LEU A 48 -24.78 -15.73 -7.08
N VAL A 49 -25.86 -15.08 -6.63
CA VAL A 49 -26.83 -15.70 -5.73
C VAL A 49 -27.34 -17.03 -6.30
N GLU A 50 -27.84 -16.97 -7.54
CA GLU A 50 -28.33 -18.16 -8.20
C GLU A 50 -27.26 -19.24 -8.23
N VAL A 51 -26.00 -18.83 -8.48
CA VAL A 51 -24.92 -19.77 -8.66
C VAL A 51 -24.66 -20.47 -7.34
N GLY A 52 -24.62 -19.69 -6.24
CA GLY A 52 -24.45 -20.24 -4.90
C GLY A 52 -25.55 -21.25 -4.57
N GLU A 53 -26.76 -21.01 -5.09
CA GLU A 53 -27.95 -21.78 -4.77
C GLU A 53 -27.94 -23.11 -5.52
N GLU A 54 -27.58 -23.05 -6.81
CA GLU A 54 -27.43 -24.19 -7.70
C GLU A 54 -26.42 -25.18 -7.12
N TYR A 55 -25.24 -24.68 -6.73
CA TYR A 55 -24.13 -25.49 -6.26
C TYR A 55 -24.16 -25.68 -4.74
N LYS A 56 -25.19 -25.12 -4.07
CA LYS A 56 -25.35 -25.20 -2.62
C LYS A 56 -24.05 -24.77 -1.92
N LEU A 57 -23.56 -23.57 -2.23
CA LEU A 57 -22.43 -22.96 -1.55
C LEU A 57 -22.91 -22.23 -0.29
N GLN A 58 -21.97 -22.04 0.64
CA GLN A 58 -22.25 -21.28 1.86
C GLN A 58 -22.59 -19.85 1.51
N ASN A 59 -23.28 -19.16 2.44
CA ASN A 59 -23.63 -17.77 2.25
C ASN A 59 -22.37 -16.92 2.44
N GLU A 60 -21.44 -17.43 3.26
CA GLU A 60 -20.18 -16.73 3.46
C GLU A 60 -19.48 -16.54 2.11
N THR A 61 -19.47 -17.61 1.30
CA THR A 61 -18.81 -17.62 0.00
C THR A 61 -19.36 -16.50 -0.88
N LEU A 62 -20.68 -16.30 -0.84
CA LEU A 62 -21.33 -15.33 -1.69
C LEU A 62 -20.85 -13.93 -1.31
N HIS A 63 -20.81 -13.66 0.00
CA HIS A 63 -20.40 -12.35 0.45
C HIS A 63 -18.93 -12.09 0.12
N LEU A 64 -18.08 -13.13 0.17
CA LEU A 64 -16.66 -12.98 -0.11
C LEU A 64 -16.48 -12.55 -1.58
N ALA A 65 -17.10 -13.35 -2.47
CA ALA A 65 -17.10 -13.05 -3.90
C ALA A 65 -17.40 -11.57 -4.14
N VAL A 66 -18.44 -11.04 -3.50
CA VAL A 66 -18.88 -9.69 -3.78
C VAL A 66 -17.82 -8.68 -3.35
N ASN A 67 -17.21 -8.92 -2.16
CA ASN A 67 -16.08 -8.15 -1.67
C ASN A 67 -14.95 -8.22 -2.69
N TYR A 68 -14.67 -9.44 -3.19
CA TYR A 68 -13.55 -9.60 -4.11
C TYR A 68 -13.78 -8.72 -5.33
N ILE A 69 -14.99 -8.81 -5.92
CA ILE A 69 -15.47 -8.03 -7.06
C ILE A 69 -15.34 -6.52 -6.81
N ASP A 70 -15.87 -6.01 -5.69
CA ASP A 70 -15.93 -4.56 -5.57
C ASP A 70 -14.54 -3.99 -5.40
N ARG A 71 -13.62 -4.78 -4.82
CA ARG A 71 -12.27 -4.29 -4.59
C ARG A 71 -11.51 -4.27 -5.89
N PHE A 72 -11.73 -5.31 -6.69
CA PHE A 72 -11.12 -5.43 -8.01
C PHE A 72 -11.58 -4.29 -8.90
N LEU A 73 -12.90 -4.04 -8.96
CA LEU A 73 -13.47 -3.01 -9.80
C LEU A 73 -13.13 -1.63 -9.27
N SER A 74 -12.70 -1.59 -7.99
CA SER A 74 -12.19 -0.38 -7.39
C SER A 74 -10.88 0.10 -8.01
N SER A 75 -10.17 -0.75 -8.79
CA SER A 75 -8.82 -0.46 -9.26
C SER A 75 -8.57 -0.90 -10.70
N MET A 76 -9.50 -1.66 -11.28
CA MET A 76 -9.30 -2.16 -12.64
C MET A 76 -10.54 -1.83 -13.45
N SER A 77 -10.36 -0.92 -14.42
CA SER A 77 -11.29 -0.72 -15.52
C SER A 77 -11.66 -2.07 -16.13
N VAL A 78 -12.96 -2.32 -16.30
CA VAL A 78 -13.42 -3.58 -16.89
C VAL A 78 -14.52 -3.30 -17.90
N LEU A 79 -14.34 -3.77 -19.13
CA LEU A 79 -15.42 -3.64 -20.15
C LEU A 79 -16.56 -4.57 -19.76
N ARG A 80 -17.81 -4.17 -20.05
CA ARG A 80 -18.99 -4.99 -19.66
C ARG A 80 -18.79 -6.45 -20.08
N GLY A 81 -18.33 -6.68 -21.32
CA GLY A 81 -18.18 -8.06 -21.83
C GLY A 81 -17.30 -8.91 -20.93
N LYS A 82 -16.61 -8.29 -19.96
CA LYS A 82 -15.70 -9.02 -19.10
C LYS A 82 -16.19 -8.99 -17.66
N LEU A 83 -17.33 -8.32 -17.41
CA LEU A 83 -17.88 -8.22 -16.06
C LEU A 83 -18.11 -9.62 -15.49
N GLN A 84 -18.78 -10.49 -16.25
CA GLN A 84 -19.11 -11.82 -15.72
C GLN A 84 -17.86 -12.64 -15.40
N LEU A 85 -16.76 -12.40 -16.12
CA LEU A 85 -15.53 -13.16 -15.94
C LEU A 85 -14.83 -12.71 -14.67
N VAL A 86 -14.93 -11.44 -14.32
CA VAL A 86 -14.40 -11.03 -13.02
C VAL A 86 -15.14 -11.79 -11.92
N GLY A 87 -16.48 -11.79 -12.00
CA GLY A 87 -17.35 -12.35 -10.99
C GLY A 87 -17.20 -13.86 -10.90
N THR A 88 -17.02 -14.53 -12.05
CA THR A 88 -16.83 -15.97 -12.04
C THR A 88 -15.56 -16.25 -11.24
N ALA A 89 -14.46 -15.59 -11.65
CA ALA A 89 -13.14 -15.69 -11.06
C ALA A 89 -13.21 -15.52 -9.55
N ALA A 90 -14.05 -14.60 -9.09
CA ALA A 90 -14.17 -14.27 -7.68
C ALA A 90 -14.94 -15.37 -6.93
N MET A 91 -16.03 -15.85 -7.54
CA MET A 91 -16.81 -16.90 -6.92
C MET A 91 -15.91 -18.11 -6.67
N LEU A 92 -15.06 -18.41 -7.66
CA LEU A 92 -14.11 -19.49 -7.65
C LEU A 92 -13.12 -19.26 -6.52
N LEU A 93 -12.60 -18.03 -6.46
CA LEU A 93 -11.64 -17.72 -5.43
C LEU A 93 -12.31 -17.88 -4.07
N ALA A 94 -13.52 -17.33 -3.93
CA ALA A 94 -14.22 -17.40 -2.66
C ALA A 94 -14.52 -18.84 -2.30
N SER A 95 -14.84 -19.65 -3.31
CA SER A 95 -15.15 -21.04 -3.09
C SER A 95 -13.91 -21.75 -2.55
N LYS A 96 -12.76 -21.52 -3.22
CA LYS A 96 -11.51 -22.16 -2.84
C LYS A 96 -11.12 -21.77 -1.42
N PHE A 97 -11.33 -20.49 -1.07
CA PHE A 97 -11.03 -19.98 0.25
C PHE A 97 -11.91 -20.66 1.31
N GLU A 98 -13.22 -20.79 1.01
CA GLU A 98 -14.24 -20.92 2.05
C GLU A 98 -14.87 -22.30 2.12
N GLU A 99 -15.04 -23.00 0.99
CA GLU A 99 -15.82 -24.23 0.99
C GLU A 99 -14.93 -25.43 1.28
N ILE A 100 -15.53 -26.48 1.87
CA ILE A 100 -14.83 -27.72 2.15
C ILE A 100 -14.62 -28.49 0.85
N TYR A 101 -15.65 -28.42 0.00
CA TYR A 101 -15.76 -29.14 -1.26
C TYR A 101 -16.16 -28.15 -2.36
N PRO A 102 -15.27 -27.21 -2.78
CA PRO A 102 -15.65 -26.20 -3.76
C PRO A 102 -15.93 -26.89 -5.09
N PRO A 103 -16.75 -26.28 -5.98
CA PRO A 103 -17.02 -26.88 -7.28
C PRO A 103 -15.71 -26.77 -8.05
N GLU A 104 -15.62 -27.57 -9.11
CA GLU A 104 -14.42 -27.61 -9.92
C GLU A 104 -14.34 -26.39 -10.83
N VAL A 105 -13.18 -26.21 -11.45
CA VAL A 105 -13.06 -25.04 -12.29
C VAL A 105 -14.01 -25.21 -13.48
N ALA A 106 -14.15 -26.46 -13.95
CA ALA A 106 -15.02 -26.77 -15.06
C ALA A 106 -16.44 -26.29 -14.78
N GLU A 107 -16.89 -26.39 -13.52
CA GLU A 107 -18.25 -26.01 -13.18
C GLU A 107 -18.41 -24.49 -13.21
N PHE A 108 -17.32 -23.77 -13.01
CA PHE A 108 -17.41 -22.32 -13.13
C PHE A 108 -17.45 -21.91 -14.60
N VAL A 109 -17.04 -22.81 -15.51
CA VAL A 109 -17.03 -22.47 -16.92
C VAL A 109 -18.38 -22.86 -17.52
N TYR A 110 -19.00 -23.87 -16.92
CA TYR A 110 -20.31 -24.32 -17.33
C TYR A 110 -21.34 -23.23 -17.04
N ILE A 111 -21.26 -22.58 -15.86
CA ILE A 111 -22.27 -21.60 -15.49
C ILE A 111 -22.17 -20.31 -16.31
N THR A 112 -21.07 -20.08 -17.03
CA THR A 112 -20.97 -18.86 -17.82
C THR A 112 -21.58 -19.07 -19.21
N ASP A 113 -22.21 -20.24 -19.42
CA ASP A 113 -22.81 -20.65 -20.69
C ASP A 113 -21.77 -20.58 -21.80
N ASP A 114 -20.53 -20.92 -21.43
CA ASP A 114 -19.41 -20.92 -22.35
C ASP A 114 -19.33 -19.57 -23.08
N THR A 115 -19.59 -18.49 -22.33
CA THR A 115 -19.21 -17.15 -22.74
C THR A 115 -17.68 -17.07 -22.73
N TYR A 116 -17.06 -17.66 -21.69
CA TYR A 116 -15.61 -17.68 -21.54
C TYR A 116 -15.07 -19.11 -21.56
N THR A 117 -13.78 -19.27 -21.93
CA THR A 117 -13.07 -20.56 -21.91
C THR A 117 -12.58 -20.87 -20.49
N LYS A 118 -12.09 -22.09 -20.27
CA LYS A 118 -11.53 -22.44 -18.98
C LYS A 118 -10.25 -21.62 -18.74
N LYS A 119 -9.52 -21.29 -19.80
CA LYS A 119 -8.23 -20.59 -19.62
C LYS A 119 -8.43 -19.11 -19.36
N GLN A 120 -9.59 -18.56 -19.73
CA GLN A 120 -9.86 -17.18 -19.39
C GLN A 120 -10.25 -17.10 -17.91
N VAL A 121 -11.05 -18.07 -17.47
CA VAL A 121 -11.45 -18.12 -16.08
C VAL A 121 -10.21 -18.24 -15.19
N LEU A 122 -9.27 -19.07 -15.62
CA LEU A 122 -8.04 -19.30 -14.81
C LEU A 122 -7.12 -18.07 -14.93
N ARG A 123 -6.94 -17.50 -16.11
CA ARG A 123 -6.09 -16.29 -16.20
C ARG A 123 -6.70 -15.18 -15.35
N MET A 124 -8.03 -15.01 -15.36
CA MET A 124 -8.65 -14.00 -14.48
C MET A 124 -8.36 -14.33 -13.01
N GLU A 125 -8.43 -15.59 -12.64
CA GLU A 125 -8.09 -15.96 -11.27
C GLU A 125 -6.74 -15.37 -10.85
N HIS A 126 -5.67 -15.53 -11.67
CA HIS A 126 -4.36 -15.10 -11.22
C HIS A 126 -4.34 -13.57 -11.14
N LEU A 127 -5.07 -12.94 -12.07
CA LEU A 127 -5.13 -11.48 -12.15
C LEU A 127 -5.81 -10.96 -10.89
N VAL A 128 -6.84 -11.68 -10.43
CA VAL A 128 -7.61 -11.18 -9.31
C VAL A 128 -6.76 -11.24 -8.05
N LEU A 129 -6.03 -12.34 -7.89
CA LEU A 129 -5.10 -12.50 -6.79
C LEU A 129 -4.08 -11.37 -6.81
N LYS A 130 -3.52 -11.11 -8.00
CA LYS A 130 -2.51 -10.07 -8.14
C LYS A 130 -3.09 -8.72 -7.70
N VAL A 131 -4.29 -8.38 -8.16
CA VAL A 131 -4.85 -7.07 -7.90
C VAL A 131 -5.20 -6.92 -6.43
N LEU A 132 -5.81 -7.96 -5.82
CA LEU A 132 -6.14 -8.00 -4.41
C LEU A 132 -4.93 -8.33 -3.54
N ALA A 133 -3.79 -8.66 -4.16
CA ALA A 133 -2.58 -9.06 -3.48
C ALA A 133 -2.87 -10.13 -2.42
N PHE A 134 -3.69 -11.12 -2.79
CA PHE A 134 -3.92 -12.32 -1.99
C PHE A 134 -4.66 -12.06 -0.67
N ASP A 135 -5.08 -10.80 -0.44
CA ASP A 135 -5.84 -10.41 0.76
C ASP A 135 -7.30 -10.87 0.65
N LEU A 136 -7.55 -12.14 0.96
CA LEU A 136 -8.83 -12.73 0.62
C LEU A 136 -9.70 -12.90 1.88
N ALA A 137 -9.08 -12.77 3.06
CA ALA A 137 -9.76 -13.07 4.32
C ALA A 137 -10.55 -11.85 4.75
N ALA A 138 -11.49 -11.46 3.90
CA ALA A 138 -12.21 -10.22 4.08
C ALA A 138 -13.37 -10.48 5.02
N PRO A 139 -13.57 -9.65 6.06
CA PRO A 139 -14.75 -9.79 6.91
C PRO A 139 -16.00 -9.41 6.12
N THR A 140 -17.12 -10.05 6.47
CA THR A 140 -18.36 -9.98 5.72
C THR A 140 -19.47 -9.55 6.67
N ILE A 141 -20.66 -9.34 6.12
CA ILE A 141 -21.85 -9.11 6.93
C ILE A 141 -22.12 -10.37 7.72
N ASN A 142 -22.31 -11.48 7.02
CA ASN A 142 -22.63 -12.77 7.66
C ASN A 142 -21.73 -13.03 8.87
N GLN A 143 -20.49 -12.57 8.82
CA GLN A 143 -19.55 -12.88 9.89
C GLN A 143 -19.85 -12.12 11.17
N PHE A 144 -20.25 -10.85 11.03
CA PHE A 144 -20.70 -10.06 12.16
C PHE A 144 -22.03 -10.61 12.65
N LEU A 145 -22.96 -10.80 11.72
CA LEU A 145 -24.30 -11.31 11.99
C LEU A 145 -24.25 -12.49 12.95
N THR A 146 -23.48 -13.52 12.60
CA THR A 146 -23.45 -14.78 13.34
C THR A 146 -23.07 -14.52 14.80
N GLN A 147 -22.20 -13.52 15.02
CA GLN A 147 -21.82 -13.12 16.37
C GLN A 147 -22.98 -12.42 17.06
N TYR A 148 -23.62 -11.50 16.32
CA TYR A 148 -24.77 -10.75 16.81
C TYR A 148 -25.85 -11.76 17.21
N PHE A 149 -25.99 -12.81 16.40
CA PHE A 149 -26.96 -13.86 16.66
C PHE A 149 -26.78 -14.47 18.04
N LEU A 150 -25.56 -14.41 18.59
CA LEU A 150 -25.26 -15.04 19.86
C LEU A 150 -25.94 -14.32 21.02
N HIS A 151 -26.36 -13.07 20.81
CA HIS A 151 -26.92 -12.25 21.86
C HIS A 151 -28.45 -12.37 21.91
N GLN A 152 -29.03 -13.19 21.05
CA GLN A 152 -30.46 -13.41 21.08
C GLN A 152 -30.89 -13.95 22.43
N GLN A 153 -32.19 -13.80 22.71
CA GLN A 153 -32.75 -14.28 23.96
C GLN A 153 -34.26 -14.47 23.81
N PRO A 154 -34.75 -15.68 23.43
CA PRO A 154 -33.93 -16.78 22.90
C PRO A 154 -33.70 -16.66 21.39
N ALA A 155 -33.21 -17.72 20.71
CA ALA A 155 -32.92 -17.66 19.29
C ALA A 155 -34.21 -17.82 18.47
N ASN A 156 -34.22 -17.25 17.27
CA ASN A 156 -35.43 -17.32 16.40
C ASN A 156 -35.02 -17.56 14.95
N CYS A 157 -35.13 -18.80 14.49
CA CYS A 157 -34.84 -19.13 13.08
C CYS A 157 -35.33 -18.01 12.17
N LYS A 158 -36.59 -17.60 12.34
CA LYS A 158 -37.16 -16.56 11.47
C LYS A 158 -36.25 -15.32 11.46
N VAL A 159 -35.89 -14.80 12.63
CA VAL A 159 -35.05 -13.57 12.71
C VAL A 159 -33.73 -13.89 12.00
N GLU A 160 -33.15 -15.04 12.28
CA GLU A 160 -31.90 -15.46 11.67
C GLU A 160 -32.04 -15.42 10.16
N SER A 161 -32.89 -16.33 9.66
CA SER A 161 -33.21 -16.36 8.24
C SER A 161 -33.55 -14.96 7.70
N LEU A 162 -34.27 -14.13 8.49
CA LEU A 162 -34.68 -12.83 8.01
C LEU A 162 -33.53 -11.81 8.09
N ALA A 163 -32.65 -11.94 9.09
CA ALA A 163 -31.49 -11.07 9.13
C ALA A 163 -30.56 -11.42 7.97
N MET A 164 -30.33 -12.72 7.73
CA MET A 164 -29.57 -13.17 6.58
C MET A 164 -30.13 -12.54 5.31
N PHE A 165 -31.43 -12.78 5.04
CA PHE A 165 -32.14 -12.25 3.88
C PHE A 165 -31.85 -10.77 3.63
N LEU A 166 -31.94 -9.93 4.67
CA LEU A 166 -31.79 -8.48 4.51
C LEU A 166 -30.35 -8.10 4.20
N GLY A 167 -29.41 -8.77 4.86
CA GLY A 167 -28.00 -8.54 4.61
C GLY A 167 -27.70 -8.72 3.12
N GLU A 168 -28.24 -9.81 2.56
CA GLU A 168 -27.98 -10.23 1.20
C GLU A 168 -28.59 -9.22 0.23
N LEU A 169 -29.74 -8.65 0.58
CA LEU A 169 -30.41 -7.67 -0.26
C LEU A 169 -29.48 -6.49 -0.52
N SER A 170 -28.71 -6.09 0.52
CA SER A 170 -27.69 -5.06 0.40
C SER A 170 -26.66 -5.34 -0.71
N LEU A 171 -26.24 -6.60 -0.90
CA LEU A 171 -25.16 -6.93 -1.83
C LEU A 171 -25.46 -6.37 -3.21
N ILE A 172 -26.73 -6.52 -3.64
CA ILE A 172 -27.23 -6.20 -4.97
C ILE A 172 -26.98 -4.75 -5.36
N ASP A 173 -27.15 -3.82 -4.40
CA ASP A 173 -27.33 -2.41 -4.69
C ASP A 173 -26.14 -1.60 -4.18
N ALA A 174 -25.12 -1.40 -5.00
CA ALA A 174 -23.95 -0.56 -4.63
C ALA A 174 -24.40 0.77 -4.03
N ASP A 175 -25.52 1.32 -4.51
CA ASP A 175 -26.10 2.55 -3.90
C ASP A 175 -27.38 2.14 -3.19
N PRO A 176 -27.42 2.21 -1.85
CA PRO A 176 -26.36 2.87 -1.11
C PRO A 176 -25.51 2.07 -0.16
N TYR A 177 -25.08 0.87 -0.51
CA TYR A 177 -24.42 0.01 0.50
C TYR A 177 -22.90 0.00 0.42
N LEU A 178 -22.33 0.60 -0.62
CA LEU A 178 -20.88 0.71 -0.58
C LEU A 178 -20.42 1.68 0.50
N LYS A 179 -21.34 2.44 1.08
CA LYS A 179 -20.93 3.49 2.00
C LYS A 179 -21.20 3.06 3.44
N TYR A 180 -21.61 1.81 3.63
CA TYR A 180 -21.71 1.25 4.97
C TYR A 180 -20.71 0.11 5.11
N LEU A 181 -20.18 -0.02 6.33
CA LEU A 181 -19.28 -1.10 6.69
C LEU A 181 -20.11 -2.36 6.91
N PRO A 182 -19.54 -3.54 6.56
CA PRO A 182 -20.25 -4.80 6.78
C PRO A 182 -20.85 -4.88 8.19
N SER A 183 -20.09 -4.42 9.22
CA SER A 183 -20.54 -4.46 10.60
C SER A 183 -21.81 -3.65 10.81
N VAL A 184 -21.82 -2.42 10.28
CA VAL A 184 -22.98 -1.53 10.33
C VAL A 184 -24.16 -2.18 9.60
N ILE A 185 -23.94 -2.65 8.37
CA ILE A 185 -25.06 -3.25 7.65
C ILE A 185 -25.65 -4.37 8.52
N ALA A 186 -24.79 -5.19 9.14
CA ALA A 186 -25.26 -6.38 9.83
C ALA A 186 -26.06 -6.01 11.08
N ALA A 187 -25.59 -4.99 11.81
CA ALA A 187 -26.34 -4.40 12.90
C ALA A 187 -27.72 -3.99 12.42
N ALA A 188 -27.77 -3.31 11.27
CA ALA A 188 -29.01 -2.77 10.77
C ALA A 188 -29.97 -3.90 10.40
N ALA A 189 -29.43 -4.91 9.72
CA ALA A 189 -30.26 -6.01 9.30
C ALA A 189 -30.74 -6.82 10.52
N PHE A 190 -29.94 -6.87 11.60
CA PHE A 190 -30.30 -7.66 12.78
C PHE A 190 -31.48 -7.00 13.49
N HIS A 191 -31.34 -5.69 13.78
CA HIS A 191 -32.47 -4.90 14.27
C HIS A 191 -33.70 -5.16 13.40
N LEU A 192 -33.58 -4.84 12.11
CA LEU A 192 -34.75 -4.82 11.27
C LEU A 192 -35.49 -6.16 11.28
N ALA A 193 -34.77 -7.29 11.30
CA ALA A 193 -35.39 -8.62 11.37
C ALA A 193 -36.04 -8.86 12.74
N LEU A 194 -35.22 -8.79 13.79
CA LEU A 194 -35.71 -8.86 15.16
C LEU A 194 -37.02 -8.08 15.31
N TYR A 195 -37.03 -6.82 14.90
CA TYR A 195 -38.23 -5.99 15.01
C TYR A 195 -39.41 -6.68 14.32
N THR A 196 -39.29 -6.93 13.01
CA THR A 196 -40.32 -7.57 12.21
C THR A 196 -40.88 -8.83 12.86
N VAL A 197 -40.00 -9.72 13.37
CA VAL A 197 -40.44 -11.05 13.80
C VAL A 197 -40.91 -11.05 15.26
N THR A 198 -40.37 -10.14 16.08
CA THR A 198 -40.62 -10.18 17.53
C THR A 198 -41.20 -8.87 18.05
N GLY A 199 -40.88 -7.75 17.40
CA GLY A 199 -41.19 -6.45 17.95
C GLY A 199 -40.07 -5.99 18.87
N GLN A 200 -39.05 -6.84 19.02
CA GLN A 200 -37.90 -6.51 19.88
C GLN A 200 -36.95 -5.58 19.12
N SER A 201 -35.86 -5.15 19.75
CA SER A 201 -34.97 -4.16 19.09
C SER A 201 -33.49 -4.45 19.35
N TRP A 202 -32.60 -3.74 18.65
CA TRP A 202 -31.14 -3.88 18.83
C TRP A 202 -30.85 -4.08 20.31
N PRO A 203 -30.35 -5.25 20.73
CA PRO A 203 -30.13 -5.52 22.14
C PRO A 203 -29.05 -4.63 22.75
N GLU A 204 -29.17 -4.36 24.05
CA GLU A 204 -28.16 -3.55 24.77
C GLU A 204 -26.86 -4.35 24.79
N SER A 205 -26.96 -5.63 25.08
CA SER A 205 -25.78 -6.50 24.99
C SER A 205 -24.94 -6.16 23.76
N LEU A 206 -25.59 -5.94 22.61
CA LEU A 206 -24.91 -5.66 21.35
C LEU A 206 -24.59 -4.17 21.19
N VAL A 207 -25.12 -3.34 22.09
CA VAL A 207 -24.76 -1.93 22.05
C VAL A 207 -23.41 -1.78 22.74
N GLN A 208 -23.20 -2.65 23.73
CA GLN A 208 -21.97 -2.68 24.48
C GLN A 208 -20.86 -3.30 23.65
N LYS A 209 -21.20 -4.30 22.82
CA LYS A 209 -20.25 -4.96 21.94
C LYS A 209 -19.81 -4.03 20.82
N THR A 210 -20.79 -3.51 20.06
CA THR A 210 -20.55 -2.79 18.81
C THR A 210 -20.26 -1.30 19.04
N GLY A 211 -20.86 -0.70 20.06
CA GLY A 211 -20.73 0.74 20.23
C GLY A 211 -21.66 1.44 19.25
N TYR A 212 -22.62 0.68 18.75
CA TYR A 212 -23.59 1.16 17.78
C TYR A 212 -24.92 1.36 18.51
N THR A 213 -25.50 2.56 18.34
CA THR A 213 -26.84 2.86 18.85
C THR A 213 -27.82 2.92 17.68
N LEU A 214 -29.11 2.71 17.97
CA LEU A 214 -30.12 2.83 16.93
C LEU A 214 -30.03 4.20 16.27
N GLU A 215 -29.33 5.12 16.95
CA GLU A 215 -29.09 6.46 16.45
C GLU A 215 -27.99 6.37 15.41
N THR A 216 -26.93 5.64 15.75
CA THR A 216 -25.80 5.47 14.83
C THR A 216 -26.26 4.67 13.62
N LEU A 217 -27.17 3.71 13.85
CA LEU A 217 -27.58 2.76 12.83
C LEU A 217 -28.79 3.23 12.02
N LYS A 218 -29.10 4.53 11.99
CA LYS A 218 -30.35 4.95 11.37
C LYS A 218 -30.17 5.26 9.88
N PRO A 219 -29.11 6.00 9.45
CA PRO A 219 -28.92 6.22 8.02
C PRO A 219 -29.04 4.89 7.27
N CYS A 220 -28.39 3.82 7.79
CA CYS A 220 -28.41 2.49 7.21
C CYS A 220 -29.81 1.86 7.31
N LEU A 221 -30.38 1.90 8.51
CA LEU A 221 -31.64 1.23 8.80
C LEU A 221 -32.76 1.78 7.90
N LEU A 222 -32.65 3.05 7.49
CA LEU A 222 -33.61 3.70 6.62
C LEU A 222 -33.44 3.22 5.18
N ASP A 223 -32.20 3.12 4.72
CA ASP A 223 -31.91 2.66 3.37
C ASP A 223 -32.36 1.21 3.18
N LEU A 224 -32.31 0.41 4.26
CA LEU A 224 -32.60 -1.02 4.18
C LEU A 224 -34.10 -1.28 4.39
N HIS A 225 -34.75 -0.38 5.13
CA HIS A 225 -36.19 -0.44 5.28
C HIS A 225 -36.81 -0.22 3.89
N GLN A 226 -36.30 0.81 3.19
CA GLN A 226 -36.73 1.16 1.86
C GLN A 226 -36.46 -0.03 0.93
N THR A 227 -35.26 -0.61 1.05
CA THR A 227 -34.83 -1.77 0.25
C THR A 227 -35.80 -2.93 0.51
N TYR A 228 -36.17 -3.13 1.78
CA TYR A 228 -37.03 -4.24 2.15
C TYR A 228 -38.42 -4.02 1.57
N LEU A 229 -38.84 -2.74 1.51
CA LEU A 229 -40.20 -2.39 1.14
C LEU A 229 -40.40 -2.48 -0.37
N ARG A 230 -39.37 -2.09 -1.14
CA ARG A 230 -39.45 -2.06 -2.60
C ARG A 230 -38.89 -3.35 -3.22
N ALA A 231 -38.62 -4.37 -2.38
CA ALA A 231 -37.95 -5.60 -2.78
C ALA A 231 -38.78 -6.40 -3.79
N PRO A 232 -40.10 -6.60 -3.56
CA PRO A 232 -40.95 -7.28 -4.54
C PRO A 232 -41.01 -6.62 -5.92
N GLN A 233 -40.45 -5.41 -6.04
CA GLN A 233 -40.52 -4.66 -7.28
C GLN A 233 -39.12 -4.43 -7.87
N HIS A 234 -38.08 -4.99 -7.24
CA HIS A 234 -36.71 -4.85 -7.72
C HIS A 234 -36.55 -5.69 -8.99
N ALA A 235 -35.66 -5.26 -9.89
CA ALA A 235 -35.44 -5.97 -11.14
C ALA A 235 -34.82 -7.34 -10.86
N GLN A 236 -34.12 -7.43 -9.71
CA GLN A 236 -33.39 -8.61 -9.30
C GLN A 236 -34.19 -9.29 -8.19
N GLN A 237 -34.39 -10.62 -8.31
CA GLN A 237 -35.39 -11.32 -7.50
C GLN A 237 -34.90 -12.66 -6.97
N SER A 238 -33.64 -13.04 -7.22
CA SER A 238 -33.12 -14.34 -6.82
C SER A 238 -33.04 -14.46 -5.30
N ILE A 239 -32.69 -13.37 -4.60
CA ILE A 239 -32.58 -13.41 -3.16
C ILE A 239 -33.92 -13.78 -2.55
N ARG A 240 -34.97 -13.05 -2.94
CA ARG A 240 -36.33 -13.34 -2.50
C ARG A 240 -36.75 -14.77 -2.85
N GLU A 241 -36.52 -15.18 -4.11
CA GLU A 241 -36.80 -16.54 -4.56
C GLU A 241 -36.14 -17.53 -3.62
N LYS A 242 -34.90 -17.24 -3.21
CA LYS A 242 -34.12 -18.10 -2.33
C LYS A 242 -34.76 -18.21 -0.95
N TYR A 243 -35.14 -17.05 -0.36
CA TYR A 243 -35.60 -17.03 1.01
C TYR A 243 -37.13 -17.25 1.09
N LYS A 244 -37.72 -17.82 0.03
CA LYS A 244 -39.10 -18.27 0.08
C LYS A 244 -39.08 -19.73 0.54
N ASN A 245 -38.00 -20.41 0.16
CA ASN A 245 -37.77 -21.82 0.46
C ASN A 245 -37.84 -22.02 1.98
N SER A 246 -38.06 -23.28 2.40
CA SER A 246 -38.29 -23.62 3.81
C SER A 246 -36.99 -23.74 4.60
N LYS A 247 -35.87 -23.92 3.91
CA LYS A 247 -34.57 -23.86 4.57
C LYS A 247 -34.42 -22.54 5.31
N TYR A 248 -35.11 -21.51 4.80
CA TYR A 248 -35.02 -20.16 5.31
C TYR A 248 -36.34 -19.73 5.94
N HIS A 249 -37.32 -20.65 5.98
CA HIS A 249 -38.59 -20.43 6.68
C HIS A 249 -39.45 -19.37 5.99
N GLY A 250 -39.25 -19.18 4.67
CA GLY A 250 -40.03 -18.26 3.86
C GLY A 250 -40.15 -16.86 4.47
N VAL A 251 -39.00 -16.26 4.79
CA VAL A 251 -38.97 -14.95 5.43
C VAL A 251 -39.10 -13.86 4.36
N SER A 252 -38.88 -14.24 3.09
CA SER A 252 -39.12 -13.34 1.97
C SER A 252 -40.62 -13.13 1.76
N LEU A 253 -41.45 -13.92 2.46
CA LEU A 253 -42.88 -13.91 2.29
C LEU A 253 -43.52 -13.14 3.45
N LEU A 254 -42.75 -12.92 4.52
CA LEU A 254 -43.20 -12.09 5.62
C LEU A 254 -43.27 -10.65 5.11
N ASN A 255 -44.12 -9.82 5.74
CA ASN A 255 -44.36 -8.46 5.29
C ASN A 255 -43.51 -7.44 6.05
N PRO A 256 -42.69 -6.62 5.34
CA PRO A 256 -41.88 -5.58 5.97
C PRO A 256 -42.74 -4.79 6.94
N PRO A 257 -42.23 -4.40 8.13
CA PRO A 257 -42.96 -3.45 8.98
C PRO A 257 -43.07 -2.17 8.17
N GLU A 258 -44.00 -1.28 8.56
CA GLU A 258 -44.24 -0.07 7.79
C GLU A 258 -43.43 1.08 8.37
N THR A 259 -43.36 1.09 9.70
CA THR A 259 -42.64 2.15 10.42
C THR A 259 -41.75 1.49 11.43
N LEU A 260 -40.59 2.08 11.67
CA LEU A 260 -39.61 1.47 12.60
C LEU A 260 -39.76 2.17 13.95
N ASN A 261 -40.59 3.20 14.01
CA ASN A 261 -40.84 3.94 15.27
C ASN A 261 -39.49 4.36 15.86
N VAL A 262 -38.83 5.29 15.19
CA VAL A 262 -37.50 5.78 15.66
C VAL A 262 -37.70 7.10 16.41
N PRO B 2 0.60 -5.40 -10.30
CA PRO B 2 -0.57 -6.13 -10.78
C PRO B 2 -0.43 -6.92 -12.09
N GLY B 3 0.53 -6.52 -12.95
CA GLY B 3 0.52 -6.78 -14.38
C GLY B 3 1.37 -7.99 -14.82
N SER B 4 1.10 -8.46 -16.05
CA SER B 4 1.80 -9.55 -16.73
C SER B 4 1.69 -9.29 -18.24
N MET B 5 2.83 -9.15 -18.96
CA MET B 5 2.82 -8.75 -20.38
C MET B 5 2.08 -9.76 -21.26
N GLU B 6 1.87 -10.97 -20.75
CA GLU B 6 1.17 -12.00 -21.49
C GLU B 6 -0.28 -11.61 -21.74
N ASN B 7 -0.90 -10.88 -20.81
CA ASN B 7 -2.32 -10.54 -20.91
C ASN B 7 -2.54 -9.27 -21.72
N PHE B 8 -1.46 -8.77 -22.35
CA PHE B 8 -1.55 -7.62 -23.23
C PHE B 8 -1.38 -8.06 -24.68
N GLN B 9 -2.22 -7.50 -25.52
CA GLN B 9 -2.31 -7.81 -26.93
C GLN B 9 -1.95 -6.53 -27.68
N LYS B 10 -0.88 -6.59 -28.49
CA LYS B 10 -0.45 -5.39 -29.20
C LYS B 10 -1.39 -5.14 -30.35
N VAL B 11 -1.65 -3.85 -30.61
CA VAL B 11 -2.63 -3.43 -31.58
C VAL B 11 -1.91 -2.67 -32.69
N GLU B 12 -1.16 -1.60 -32.33
CA GLU B 12 -0.44 -0.82 -33.31
C GLU B 12 0.49 0.17 -32.60
N LYS B 13 1.59 0.54 -33.27
CA LYS B 13 2.36 1.71 -32.85
C LYS B 13 1.40 2.90 -32.87
N ILE B 14 1.49 3.76 -31.85
CA ILE B 14 0.62 4.97 -31.75
C ILE B 14 1.51 6.21 -31.61
N GLY B 15 2.82 6.03 -31.52
CA GLY B 15 3.71 7.19 -31.46
C GLY B 15 5.10 6.87 -30.97
N GLU B 16 6.01 7.82 -31.11
CA GLU B 16 7.40 7.64 -30.63
C GLU B 16 7.66 8.68 -29.52
N GLY B 17 8.24 8.25 -28.41
CA GLY B 17 8.39 9.17 -27.27
C GLY B 17 9.77 9.14 -26.67
N THR B 18 9.85 9.35 -25.35
CA THR B 18 11.16 9.46 -24.73
C THR B 18 11.90 8.12 -24.72
N TYR B 19 11.19 7.04 -24.36
CA TYR B 19 11.85 5.77 -24.12
C TYR B 19 11.88 4.94 -25.39
N GLY B 20 11.01 5.28 -26.34
CA GLY B 20 11.07 4.66 -27.65
C GLY B 20 9.76 4.89 -28.38
N VAL B 21 9.13 3.79 -28.76
CA VAL B 21 7.81 3.84 -29.44
C VAL B 21 6.72 3.54 -28.40
N VAL B 22 5.61 4.27 -28.45
CA VAL B 22 4.46 3.95 -27.56
C VAL B 22 3.57 3.02 -28.39
N TYR B 23 2.84 2.14 -27.73
CA TYR B 23 2.03 1.15 -28.47
C TYR B 23 0.66 1.04 -27.88
N LYS B 24 -0.34 0.96 -28.75
CA LYS B 24 -1.70 0.71 -28.30
C LYS B 24 -1.81 -0.79 -28.11
N ALA B 25 -2.38 -1.20 -26.97
CA ALA B 25 -2.57 -2.61 -26.67
C ALA B 25 -3.85 -2.75 -25.87
N ARG B 26 -4.32 -4.00 -25.76
CA ARG B 26 -5.58 -4.26 -25.09
C ARG B 26 -5.35 -5.33 -24.03
N ASN B 27 -5.85 -5.07 -22.82
CA ASN B 27 -5.89 -6.10 -21.79
C ASN B 27 -6.82 -7.22 -22.26
N LYS B 28 -6.35 -8.45 -22.17
CA LYS B 28 -7.14 -9.52 -22.77
C LYS B 28 -8.14 -10.07 -21.75
N LEU B 29 -8.12 -9.60 -20.50
CA LEU B 29 -8.95 -10.21 -19.47
C LEU B 29 -10.06 -9.27 -19.03
N THR B 30 -9.75 -7.97 -18.99
CA THR B 30 -10.68 -6.95 -18.57
C THR B 30 -11.18 -6.12 -19.77
N GLY B 31 -10.40 -6.10 -20.86
CA GLY B 31 -10.83 -5.47 -22.10
C GLY B 31 -10.33 -4.03 -22.25
N GLU B 32 -9.67 -3.52 -21.19
CA GLU B 32 -9.19 -2.15 -21.14
C GLU B 32 -8.09 -1.89 -22.18
N VAL B 33 -8.23 -0.79 -22.89
CA VAL B 33 -7.26 -0.36 -23.88
C VAL B 33 -6.25 0.53 -23.16
N VAL B 34 -4.96 0.22 -23.36
CA VAL B 34 -3.88 0.89 -22.68
C VAL B 34 -2.85 1.34 -23.71
N ALA B 35 -1.92 2.19 -23.25
CA ALA B 35 -0.74 2.51 -24.04
C ALA B 35 0.47 1.95 -23.31
N LEU B 36 1.35 1.25 -24.03
CA LEU B 36 2.52 0.67 -23.41
C LEU B 36 3.72 1.47 -23.86
N LYS B 37 4.42 2.05 -22.87
CA LYS B 37 5.72 2.67 -23.10
C LYS B 37 6.80 1.65 -22.75
N LYS B 38 7.78 1.43 -23.63
CA LYS B 38 8.74 0.35 -23.42
C LYS B 38 10.16 0.90 -23.29
N ILE B 39 10.90 0.41 -22.28
CA ILE B 39 12.23 0.92 -21.95
C ILE B 39 13.15 -0.28 -21.81
N ARG B 40 13.97 -0.60 -22.67
CA ARG B 40 14.90 -1.75 -22.56
C ARG B 40 16.09 -1.29 -21.71
N LEU B 41 16.52 -2.00 -20.83
CA LEU B 41 17.52 -1.59 -19.81
C LEU B 41 18.90 -2.18 -20.08
N ASP B 42 19.02 -3.40 -20.62
CA ASP B 42 20.39 -3.90 -20.93
C ASP B 42 21.07 -2.83 -21.78
N THR B 43 20.39 -2.36 -22.83
CA THR B 43 20.92 -1.30 -23.69
C THR B 43 21.43 -0.17 -22.82
N GLU B 44 20.70 0.13 -21.74
CA GLU B 44 21.08 1.30 -20.89
C GLU B 44 22.24 0.92 -19.97
N THR B 45 23.38 1.61 -20.12
CA THR B 45 24.56 1.27 -19.32
C THR B 45 24.47 1.96 -17.98
N GLU B 46 23.54 2.90 -17.85
CA GLU B 46 23.42 3.68 -16.59
C GLU B 46 22.23 3.13 -15.80
N GLY B 47 21.69 2.00 -16.27
CA GLY B 47 20.56 1.39 -15.58
C GLY B 47 19.27 2.13 -15.88
N VAL B 48 18.39 2.21 -14.89
CA VAL B 48 17.10 2.83 -15.14
C VAL B 48 17.33 4.30 -15.44
N PRO B 49 16.84 4.84 -16.58
CA PRO B 49 17.09 6.24 -16.92
C PRO B 49 16.45 7.24 -15.97
N SER B 50 17.13 8.36 -15.71
CA SER B 50 16.67 9.32 -14.73
C SER B 50 15.29 9.79 -15.15
N THR B 51 15.04 9.75 -16.46
CA THR B 51 13.80 10.26 -17.05
C THR B 51 12.66 9.38 -16.58
N ALA B 52 12.89 8.07 -16.56
CA ALA B 52 11.87 7.11 -16.19
C ALA B 52 11.65 7.16 -14.69
N ILE B 53 12.75 7.23 -13.93
CA ILE B 53 12.70 7.33 -12.47
C ILE B 53 11.86 8.54 -12.05
N ARG B 54 11.98 9.64 -12.79
CA ARG B 54 11.12 10.77 -12.53
C ARG B 54 9.69 10.50 -12.99
N GLU B 55 9.50 10.00 -14.22
CA GLU B 55 8.15 9.97 -14.76
C GLU B 55 7.28 9.06 -13.88
N ILE B 56 7.86 7.94 -13.46
CA ILE B 56 7.17 6.90 -12.72
C ILE B 56 6.84 7.41 -11.32
N SER B 57 7.85 7.72 -10.50
CA SER B 57 7.63 8.20 -9.13
C SER B 57 6.66 9.39 -9.07
N LEU B 58 6.80 10.35 -9.99
CA LEU B 58 5.96 11.53 -10.00
C LEU B 58 4.53 11.19 -10.43
N LEU B 59 4.34 10.37 -11.45
CA LEU B 59 2.99 9.99 -11.89
C LEU B 59 2.25 9.13 -10.87
N LYS B 60 3.01 8.40 -10.05
CA LYS B 60 2.40 7.55 -9.06
C LYS B 60 1.69 8.38 -8.00
N GLU B 61 2.10 9.63 -7.78
N GLU B 61 2.15 9.62 -7.79
CA GLU B 61 1.46 10.46 -6.77
CA GLU B 61 1.55 10.53 -6.81
C GLU B 61 0.49 11.48 -7.38
C GLU B 61 0.36 11.28 -7.41
N LEU B 62 0.42 11.56 -8.72
CA LEU B 62 -0.48 12.50 -9.37
C LEU B 62 -1.72 11.81 -9.89
N ASN B 63 -2.70 11.55 -9.01
CA ASN B 63 -3.97 10.99 -9.44
C ASN B 63 -4.92 12.16 -9.66
N HIS B 64 -5.24 12.40 -10.94
CA HIS B 64 -6.15 13.46 -11.31
C HIS B 64 -6.80 13.13 -12.66
N PRO B 65 -8.08 13.52 -12.88
CA PRO B 65 -8.77 13.30 -14.16
C PRO B 65 -8.22 14.00 -15.41
N ASN B 66 -7.29 14.95 -15.21
CA ASN B 66 -6.68 15.68 -16.32
C ASN B 66 -5.17 15.50 -16.31
N ILE B 67 -4.71 14.43 -15.64
CA ILE B 67 -3.36 13.91 -15.82
C ILE B 67 -3.48 12.46 -16.26
N VAL B 68 -2.78 12.11 -17.35
CA VAL B 68 -2.68 10.72 -17.78
C VAL B 68 -2.33 9.81 -16.59
N LYS B 69 -3.04 8.69 -16.52
CA LYS B 69 -2.90 7.73 -15.44
C LYS B 69 -1.91 6.65 -15.88
N LEU B 70 -0.77 6.60 -15.18
CA LEU B 70 0.11 5.42 -15.19
C LEU B 70 -0.60 4.30 -14.43
N LEU B 71 -0.92 3.22 -15.14
CA LEU B 71 -1.81 2.22 -14.58
C LEU B 71 -1.02 1.13 -13.89
N ASP B 72 0.26 0.98 -14.28
CA ASP B 72 1.11 -0.11 -13.85
C ASP B 72 2.51 0.08 -14.40
N VAL B 73 3.50 -0.58 -13.78
CA VAL B 73 4.86 -0.64 -14.30
C VAL B 73 5.33 -2.09 -14.25
N ILE B 74 5.83 -2.64 -15.36
CA ILE B 74 6.11 -4.08 -15.41
C ILE B 74 7.58 -4.30 -15.74
N HIS B 75 8.28 -5.03 -14.87
CA HIS B 75 9.67 -5.36 -15.13
C HIS B 75 9.75 -6.79 -15.68
N THR B 76 10.26 -6.92 -16.92
CA THR B 76 10.28 -8.20 -17.60
C THR B 76 11.60 -8.35 -18.34
N GLU B 77 12.61 -8.89 -17.66
CA GLU B 77 13.87 -9.32 -18.28
C GLU B 77 14.52 -8.17 -19.08
N ASN B 78 15.30 -7.31 -18.39
CA ASN B 78 16.08 -6.27 -19.05
C ASN B 78 15.16 -5.36 -19.87
N LYS B 79 13.89 -5.22 -19.45
CA LYS B 79 12.92 -4.35 -20.09
C LYS B 79 11.95 -3.82 -19.05
N LEU B 80 11.67 -2.52 -19.09
CA LEU B 80 10.65 -1.92 -18.25
C LEU B 80 9.49 -1.43 -19.13
N TYR B 81 8.25 -1.71 -18.72
CA TYR B 81 7.05 -1.38 -19.49
C TYR B 81 6.11 -0.52 -18.66
N LEU B 82 5.80 0.69 -19.14
CA LEU B 82 4.82 1.54 -18.48
C LEU B 82 3.45 1.38 -19.13
N VAL B 83 2.48 0.97 -18.32
CA VAL B 83 1.11 0.83 -18.77
C VAL B 83 0.39 2.14 -18.44
N PHE B 84 -0.06 2.88 -19.48
CA PHE B 84 -0.83 4.10 -19.21
C PHE B 84 -2.28 3.96 -19.68
N GLU B 85 -3.12 4.83 -19.13
CA GLU B 85 -4.52 4.89 -19.62
C GLU B 85 -4.41 5.37 -21.08
N PHE B 86 -5.20 4.76 -21.96
CA PHE B 86 -5.10 5.07 -23.37
C PHE B 86 -6.01 6.25 -23.71
N LEU B 87 -5.50 7.14 -24.57
CA LEU B 87 -6.25 8.25 -25.13
C LEU B 87 -5.99 8.29 -26.63
N HIS B 88 -6.95 8.85 -27.36
CA HIS B 88 -7.06 8.58 -28.78
C HIS B 88 -6.07 9.43 -29.59
N GLN B 89 -5.68 10.62 -29.08
CA GLN B 89 -5.08 11.64 -29.91
C GLN B 89 -4.48 12.78 -29.08
N ASP B 90 -3.59 13.56 -29.68
CA ASP B 90 -3.01 14.76 -29.07
C ASP B 90 -3.67 16.01 -29.62
N LEU B 91 -3.59 17.06 -28.82
CA LEU B 91 -4.21 18.32 -29.17
C LEU B 91 -3.65 18.79 -30.51
N LYS B 92 -2.37 18.51 -30.77
CA LYS B 92 -1.74 18.97 -32.01
C LYS B 92 -2.44 18.35 -33.22
N LYS B 93 -2.72 17.03 -33.20
CA LYS B 93 -3.36 16.43 -34.36
C LYS B 93 -4.77 16.97 -34.51
N PHE B 94 -5.45 17.22 -33.38
CA PHE B 94 -6.83 17.70 -33.38
C PHE B 94 -6.91 19.12 -33.94
N MET B 95 -5.92 19.96 -33.61
CA MET B 95 -5.88 21.31 -34.14
C MET B 95 -5.79 21.24 -35.65
N ASP B 96 -4.95 20.32 -36.14
CA ASP B 96 -4.75 20.16 -37.57
C ASP B 96 -6.04 19.70 -38.21
N ALA B 97 -6.74 18.75 -37.57
CA ALA B 97 -8.02 18.24 -38.06
C ALA B 97 -9.08 19.34 -38.11
N SER B 98 -8.96 20.36 -37.26
CA SER B 98 -9.93 21.44 -37.16
C SER B 98 -9.59 22.63 -38.05
N ALA B 99 -8.99 22.42 -39.23
CA ALA B 99 -8.41 23.56 -39.94
C ALA B 99 -9.49 24.51 -40.46
N LEU B 100 -10.51 23.96 -41.13
CA LEU B 100 -11.49 24.75 -41.87
C LEU B 100 -12.61 25.24 -40.95
N THR B 101 -12.74 24.60 -39.77
CA THR B 101 -13.76 24.95 -38.80
C THR B 101 -13.14 25.90 -37.77
N GLY B 102 -11.93 25.57 -37.33
CA GLY B 102 -11.41 26.07 -36.07
C GLY B 102 -11.92 25.19 -34.94
N ILE B 103 -11.36 25.34 -33.73
CA ILE B 103 -11.89 24.65 -32.58
C ILE B 103 -13.03 25.49 -32.02
N PRO B 104 -14.27 24.99 -31.89
CA PRO B 104 -15.36 25.85 -31.44
C PRO B 104 -15.00 26.33 -30.04
N LEU B 105 -15.52 27.50 -29.67
CA LEU B 105 -15.09 28.20 -28.46
C LEU B 105 -15.37 27.37 -27.23
N PRO B 106 -16.55 26.70 -27.09
CA PRO B 106 -16.81 25.85 -25.93
C PRO B 106 -15.67 24.87 -25.70
N LEU B 107 -15.03 24.43 -26.79
CA LEU B 107 -14.01 23.39 -26.69
C LEU B 107 -12.67 23.98 -26.27
N ILE B 108 -12.30 25.11 -26.89
CA ILE B 108 -11.11 25.84 -26.47
C ILE B 108 -11.24 26.14 -24.98
N LYS B 109 -12.47 26.33 -24.53
CA LYS B 109 -12.71 26.87 -23.21
C LYS B 109 -12.69 25.73 -22.19
N SER B 110 -13.39 24.63 -22.54
CA SER B 110 -13.35 23.41 -21.77
C SER B 110 -11.90 22.89 -21.65
N TYR B 111 -11.16 22.93 -22.78
CA TYR B 111 -9.82 22.36 -22.77
C TYR B 111 -8.91 23.21 -21.88
N LEU B 112 -8.96 24.54 -22.01
CA LEU B 112 -8.06 25.34 -21.19
C LEU B 112 -8.38 25.10 -19.72
N PHE B 113 -9.68 25.14 -19.40
CA PHE B 113 -10.15 24.95 -18.04
C PHE B 113 -9.59 23.66 -17.44
N GLN B 114 -9.56 22.58 -18.25
CA GLN B 114 -9.13 21.27 -17.77
C GLN B 114 -7.61 21.28 -17.56
N LEU B 115 -6.86 21.87 -18.50
CA LEU B 115 -5.41 21.93 -18.47
C LEU B 115 -4.95 22.64 -17.20
N LEU B 116 -5.66 23.73 -16.89
CA LEU B 116 -5.41 24.50 -15.69
C LEU B 116 -5.69 23.65 -14.47
N GLN B 117 -6.81 22.91 -14.46
CA GLN B 117 -7.11 22.07 -13.31
C GLN B 117 -5.94 21.14 -13.00
N GLY B 118 -5.39 20.51 -14.06
CA GLY B 118 -4.40 19.46 -13.93
C GLY B 118 -3.04 20.03 -13.59
N LEU B 119 -2.77 21.21 -14.17
CA LEU B 119 -1.54 21.91 -13.87
C LEU B 119 -1.57 22.36 -12.41
N ALA B 120 -2.70 22.88 -11.95
CA ALA B 120 -2.72 23.40 -10.61
C ALA B 120 -2.45 22.24 -9.65
N PHE B 121 -2.93 21.06 -10.03
CA PHE B 121 -2.81 19.89 -9.18
C PHE B 121 -1.34 19.50 -9.10
N CYS B 122 -0.63 19.46 -10.24
CA CYS B 122 0.81 19.21 -10.24
C CYS B 122 1.52 20.19 -9.29
N HIS B 123 1.24 21.47 -9.46
CA HIS B 123 1.90 22.54 -8.68
C HIS B 123 1.60 22.42 -7.19
N SER B 124 0.44 21.88 -6.84
CA SER B 124 0.03 21.73 -5.42
C SER B 124 0.68 20.46 -4.85
N HIS B 125 1.22 19.62 -5.72
CA HIS B 125 1.89 18.37 -5.29
C HIS B 125 3.40 18.52 -5.56
N ARG B 126 3.90 19.75 -5.70
CA ARG B 126 5.36 20.05 -5.82
C ARG B 126 5.94 19.56 -7.15
N VAL B 127 5.18 19.67 -8.24
CA VAL B 127 5.71 19.11 -9.52
C VAL B 127 5.62 20.12 -10.66
N LEU B 128 6.75 20.46 -11.27
CA LEU B 128 6.75 21.21 -12.52
C LEU B 128 6.70 20.25 -13.70
N HIS B 129 5.99 20.68 -14.75
CA HIS B 129 5.84 19.85 -15.92
C HIS B 129 7.06 20.04 -16.84
N ARG B 130 7.24 21.29 -17.26
CA ARG B 130 8.42 21.76 -17.98
C ARG B 130 8.47 21.25 -19.42
N ASP B 131 7.37 20.72 -19.96
CA ASP B 131 7.29 20.48 -21.39
C ASP B 131 5.86 20.47 -21.89
N LEU B 132 5.05 21.43 -21.43
CA LEU B 132 3.71 21.60 -21.94
C LEU B 132 3.74 22.06 -23.40
N LYS B 133 2.88 21.46 -24.21
CA LYS B 133 2.79 21.70 -25.64
C LYS B 133 1.81 20.70 -26.24
N PRO B 134 1.16 21.04 -27.38
CA PRO B 134 0.01 20.27 -27.86
C PRO B 134 0.28 18.78 -28.03
N GLN B 135 1.53 18.43 -28.38
CA GLN B 135 1.88 17.04 -28.63
C GLN B 135 1.86 16.24 -27.34
N ASN B 136 1.91 16.91 -26.19
CA ASN B 136 1.94 16.22 -24.90
C ASN B 136 0.64 16.43 -24.13
N LEU B 137 -0.44 16.79 -24.83
CA LEU B 137 -1.74 16.95 -24.20
C LEU B 137 -2.69 16.01 -24.94
N LEU B 138 -3.17 14.99 -24.22
CA LEU B 138 -3.96 13.92 -24.82
C LEU B 138 -5.47 14.12 -24.65
N ILE B 139 -6.21 14.07 -25.75
CA ILE B 139 -7.65 14.21 -25.70
C ILE B 139 -8.31 12.83 -25.85
N ASN B 140 -9.54 12.67 -25.37
CA ASN B 140 -10.32 11.46 -25.59
C ASN B 140 -11.68 11.82 -26.22
N THR B 141 -12.54 10.80 -26.35
CA THR B 141 -13.75 10.93 -27.15
C THR B 141 -14.84 11.57 -26.31
N GLU B 142 -14.64 11.64 -24.99
CA GLU B 142 -15.65 12.17 -24.07
C GLU B 142 -15.36 13.65 -23.75
N GLY B 143 -14.30 14.20 -24.33
CA GLY B 143 -14.05 15.62 -24.24
C GLY B 143 -13.11 15.96 -23.09
N ALA B 144 -12.46 14.92 -22.53
CA ALA B 144 -11.37 15.08 -21.58
C ALA B 144 -10.09 15.47 -22.32
N ILE B 145 -9.27 16.32 -21.70
CA ILE B 145 -7.90 16.53 -22.15
C ILE B 145 -7.00 16.31 -20.94
N LYS B 146 -5.80 15.76 -21.15
CA LYS B 146 -4.96 15.36 -20.02
C LYS B 146 -3.50 15.63 -20.33
N LEU B 147 -2.81 16.18 -19.32
CA LEU B 147 -1.36 16.38 -19.32
C LEU B 147 -0.68 15.03 -19.46
N ALA B 148 0.28 14.92 -20.38
CA ALA B 148 1.02 13.69 -20.60
C ALA B 148 2.52 13.98 -20.71
N ASP B 149 3.30 12.91 -20.90
CA ASP B 149 4.75 12.94 -21.03
C ASP B 149 5.39 13.68 -19.85
N PHE B 150 5.52 13.02 -18.69
CA PHE B 150 6.17 13.62 -17.53
C PHE B 150 7.67 13.31 -17.52
N GLY B 151 8.26 13.21 -18.72
CA GLY B 151 9.63 12.76 -18.83
C GLY B 151 10.59 13.83 -18.35
N LEU B 152 10.19 15.09 -18.52
CA LEU B 152 11.06 16.22 -18.27
C LEU B 152 10.63 16.98 -17.00
N ALA B 153 9.70 16.38 -16.23
CA ALA B 153 9.12 16.99 -15.05
C ALA B 153 10.10 16.85 -13.90
N ARG B 154 9.87 17.70 -12.87
CA ARG B 154 10.79 17.72 -11.71
C ARG B 154 10.04 18.06 -10.43
N ALA B 155 10.44 17.41 -9.32
CA ALA B 155 9.89 17.73 -8.02
C ALA B 155 10.66 18.92 -7.43
N PHE B 156 9.95 20.01 -7.15
CA PHE B 156 10.60 21.19 -6.61
C PHE B 156 10.44 21.25 -5.09
N GLY B 157 11.25 22.13 -4.48
CA GLY B 157 11.15 22.48 -3.08
C GLY B 157 10.72 23.94 -2.98
N VAL B 158 10.45 24.43 -1.76
CA VAL B 158 9.99 25.79 -1.60
C VAL B 158 10.95 26.53 -0.69
N PRO B 159 11.65 27.59 -1.17
CA PRO B 159 11.65 27.99 -2.58
C PRO B 159 12.42 27.14 -3.56
N VAL B 160 12.19 27.40 -4.84
CA VAL B 160 12.86 26.59 -5.83
C VAL B 160 14.36 26.83 -5.72
N ARG B 161 15.11 25.86 -6.21
CA ARG B 161 16.55 25.93 -6.30
C ARG B 161 16.85 25.96 -7.80
N THR B 162 18.11 26.19 -8.17
CA THR B 162 18.49 26.11 -9.58
C THR B 162 18.22 24.69 -10.08
N TYR B 163 17.41 24.59 -11.13
CA TYR B 163 17.23 23.33 -11.83
C TYR B 163 17.82 23.42 -13.24
N TPO B 164 17.62 22.33 -14.00
CA TPO B 164 18.05 22.18 -15.37
CB TPO B 164 17.51 20.87 -15.92
CG2 TPO B 164 17.94 20.58 -17.33
OG1 TPO B 164 18.04 19.85 -15.05
P TPO B 164 16.91 18.93 -14.37
O1P TPO B 164 16.08 19.82 -13.45
O2P TPO B 164 17.68 17.79 -13.66
O3P TPO B 164 16.07 18.49 -15.54
C TPO B 164 17.56 23.34 -16.25
O TPO B 164 16.43 23.80 -16.14
N HIS B 165 18.44 23.75 -17.17
CA HIS B 165 18.27 24.93 -18.00
C HIS B 165 17.65 24.58 -19.35
N GLU B 166 18.12 23.48 -19.96
CA GLU B 166 17.58 23.01 -21.22
C GLU B 166 16.25 22.32 -20.93
N VAL B 167 15.18 23.13 -20.80
CA VAL B 167 13.84 22.66 -20.45
C VAL B 167 12.82 23.38 -21.32
N VAL B 168 11.74 22.66 -21.68
CA VAL B 168 10.60 23.18 -22.44
C VAL B 168 10.98 23.29 -23.90
N THR B 169 10.18 22.68 -24.79
CA THR B 169 10.27 22.89 -26.23
C THR B 169 10.26 24.41 -26.51
N LEU B 170 11.10 24.81 -27.46
CA LEU B 170 11.49 26.20 -27.64
C LEU B 170 10.25 27.08 -27.71
N TRP B 171 9.37 26.75 -28.65
CA TRP B 171 8.23 27.61 -28.94
C TRP B 171 7.40 27.91 -27.70
N TYR B 172 7.50 27.07 -26.64
CA TYR B 172 6.63 27.14 -25.46
C TYR B 172 7.42 27.61 -24.25
N ARG B 173 8.72 27.94 -24.46
CA ARG B 173 9.66 28.26 -23.40
C ARG B 173 9.55 29.73 -23.00
N ALA B 174 9.36 29.90 -21.71
CA ALA B 174 9.23 31.15 -20.95
C ALA B 174 10.49 32.02 -21.04
N PRO B 175 10.31 33.36 -21.04
CA PRO B 175 11.44 34.29 -21.20
C PRO B 175 12.46 34.21 -20.06
N GLU B 176 12.01 33.85 -18.86
CA GLU B 176 12.95 33.81 -17.75
C GLU B 176 13.91 32.64 -17.94
N ILE B 177 13.56 31.71 -18.83
CA ILE B 177 14.47 30.62 -19.13
C ILE B 177 15.37 31.04 -20.28
N LEU B 178 14.80 31.70 -21.30
CA LEU B 178 15.58 32.14 -22.45
C LEU B 178 16.66 33.14 -22.01
N LEU B 179 16.45 33.85 -20.89
CA LEU B 179 17.41 34.81 -20.37
C LEU B 179 18.32 34.15 -19.32
N GLY B 180 18.27 32.82 -19.21
CA GLY B 180 19.19 32.12 -18.33
C GLY B 180 19.10 32.64 -16.91
N CYS B 181 17.87 32.78 -16.41
CA CYS B 181 17.68 33.18 -15.02
C CYS B 181 18.14 32.04 -14.13
N LYS B 182 18.59 32.40 -12.93
CA LYS B 182 19.17 31.44 -12.02
C LYS B 182 18.05 30.50 -11.56
N TYR B 183 16.85 31.09 -11.39
CA TYR B 183 15.73 30.40 -10.77
C TYR B 183 14.51 30.50 -11.68
N TYR B 184 13.80 29.37 -11.81
CA TYR B 184 12.50 29.37 -12.45
C TYR B 184 11.53 28.53 -11.60
N SER B 185 10.23 28.87 -11.73
CA SER B 185 9.18 28.28 -10.91
C SER B 185 8.00 27.85 -11.76
N THR B 186 6.87 27.68 -11.08
CA THR B 186 5.59 27.24 -11.61
C THR B 186 5.20 28.08 -12.82
N ALA B 187 5.69 29.33 -12.88
CA ALA B 187 5.29 30.27 -13.93
C ALA B 187 5.73 29.78 -15.31
N VAL B 188 6.78 28.95 -15.39
CA VAL B 188 7.22 28.51 -16.71
C VAL B 188 6.12 27.68 -17.39
N ASP B 189 5.33 26.96 -16.56
CA ASP B 189 4.25 26.12 -17.07
C ASP B 189 3.09 27.01 -17.49
N ILE B 190 2.77 28.03 -16.68
CA ILE B 190 1.68 28.91 -17.06
C ILE B 190 2.01 29.56 -18.41
N TRP B 191 3.28 29.93 -18.65
CA TRP B 191 3.66 30.52 -19.93
C TRP B 191 3.24 29.56 -21.06
N SER B 192 3.79 28.34 -21.01
CA SER B 192 3.41 27.28 -21.92
C SER B 192 1.89 27.24 -22.15
N LEU B 193 1.07 27.18 -21.10
CA LEU B 193 -0.37 27.05 -21.26
C LEU B 193 -0.95 28.22 -22.02
N GLY B 194 -0.33 29.41 -21.83
CA GLY B 194 -0.70 30.64 -22.51
C GLY B 194 -0.41 30.57 -24.01
N CYS B 195 0.77 30.07 -24.39
CA CYS B 195 1.09 29.79 -25.77
C CYS B 195 0.08 28.83 -26.36
N ILE B 196 -0.33 27.81 -25.60
CA ILE B 196 -1.26 26.76 -26.10
C ILE B 196 -2.67 27.31 -26.26
N PHE B 197 -3.11 28.17 -25.35
CA PHE B 197 -4.44 28.81 -25.45
C PHE B 197 -4.51 29.51 -26.76
N ALA B 198 -3.60 30.45 -26.97
CA ALA B 198 -3.53 31.18 -28.24
C ALA B 198 -3.48 30.18 -29.38
N GLU B 199 -2.65 29.15 -29.23
CA GLU B 199 -2.50 28.20 -30.31
C GLU B 199 -3.82 27.45 -30.58
N MET B 200 -4.64 27.24 -29.55
CA MET B 200 -5.95 26.64 -29.79
C MET B 200 -6.83 27.54 -30.65
N VAL B 201 -6.72 28.85 -30.45
CA VAL B 201 -7.63 29.80 -31.10
C VAL B 201 -7.31 29.93 -32.59
N THR B 202 -6.00 29.92 -32.92
CA THR B 202 -5.47 30.21 -34.25
C THR B 202 -5.01 28.94 -34.97
N ARG B 203 -4.70 27.89 -34.21
CA ARG B 203 -4.20 26.65 -34.78
C ARG B 203 -2.81 26.84 -35.38
N ARG B 204 -2.14 27.95 -35.02
CA ARG B 204 -0.72 28.09 -35.30
C ARG B 204 0.04 28.59 -34.06
N ALA B 205 1.32 28.23 -33.98
CA ALA B 205 2.07 28.56 -32.78
C ALA B 205 2.23 30.08 -32.71
N LEU B 206 2.19 30.60 -31.48
CA LEU B 206 2.20 32.02 -31.17
C LEU B 206 3.60 32.59 -31.36
N PHE B 207 4.61 31.82 -30.94
CA PHE B 207 5.99 32.24 -31.08
C PHE B 207 6.84 31.10 -31.64
N PRO B 208 6.83 30.91 -33.00
CA PRO B 208 7.57 29.83 -33.63
C PRO B 208 9.01 30.17 -33.98
N GLY B 209 9.86 30.22 -32.97
CA GLY B 209 11.27 30.61 -33.14
C GLY B 209 12.15 29.53 -33.73
N ASP B 210 13.26 29.95 -34.34
CA ASP B 210 14.18 29.01 -35.01
C ASP B 210 15.44 28.94 -34.15
N SER B 211 15.54 29.82 -33.18
CA SER B 211 16.71 29.85 -32.28
C SER B 211 16.26 30.44 -30.95
N GLU B 212 17.12 30.37 -29.94
CA GLU B 212 16.79 30.99 -28.64
C GLU B 212 16.71 32.52 -28.81
N ILE B 213 17.57 33.13 -29.62
CA ILE B 213 17.49 34.56 -29.72
C ILE B 213 16.30 34.95 -30.59
N ASP B 214 15.99 34.08 -31.56
CA ASP B 214 14.88 34.32 -32.45
C ASP B 214 13.59 34.23 -31.65
N GLN B 215 13.46 33.15 -30.87
CA GLN B 215 12.35 32.97 -29.96
C GLN B 215 12.14 34.25 -29.16
N LEU B 216 13.19 34.71 -28.46
CA LEU B 216 13.12 35.84 -27.55
C LEU B 216 12.62 37.07 -28.30
N PHE B 217 13.15 37.30 -29.51
CA PHE B 217 12.76 38.44 -30.33
C PHE B 217 11.33 38.29 -30.84
N ARG B 218 10.86 37.06 -31.06
CA ARG B 218 9.48 36.95 -31.51
C ARG B 218 8.55 37.41 -30.40
N ILE B 219 8.85 36.94 -29.19
CA ILE B 219 8.12 37.33 -28.00
C ILE B 219 8.16 38.86 -27.90
N PHE B 220 9.38 39.41 -27.96
CA PHE B 220 9.55 40.88 -27.91
C PHE B 220 8.75 41.56 -28.99
N ARG B 221 8.52 40.89 -30.12
CA ARG B 221 7.83 41.57 -31.25
C ARG B 221 6.30 41.43 -31.09
N THR B 222 5.85 40.66 -30.10
CA THR B 222 4.40 40.46 -29.89
C THR B 222 3.99 41.14 -28.61
N LEU B 223 4.84 41.08 -27.57
CA LEU B 223 4.50 41.64 -26.27
C LEU B 223 5.29 42.91 -25.95
N GLY B 224 6.25 43.26 -26.80
CA GLY B 224 7.11 44.43 -26.61
C GLY B 224 8.38 44.04 -25.86
N THR B 225 9.51 44.71 -26.16
CA THR B 225 10.74 44.41 -25.44
C THR B 225 10.55 44.86 -24.01
N PRO B 226 10.76 44.00 -23.00
CA PRO B 226 10.60 44.38 -21.60
C PRO B 226 11.72 45.25 -21.02
N ASP B 227 11.33 45.99 -19.98
CA ASP B 227 12.20 46.94 -19.32
C ASP B 227 12.04 46.80 -17.81
N GLU B 228 12.77 47.66 -17.09
CA GLU B 228 12.79 47.60 -15.65
C GLU B 228 11.40 47.91 -15.10
N VAL B 229 10.57 48.62 -15.87
CA VAL B 229 9.26 49.03 -15.38
C VAL B 229 8.36 47.80 -15.34
N VAL B 230 8.15 47.18 -16.50
CA VAL B 230 7.22 46.06 -16.56
C VAL B 230 7.82 44.83 -15.89
N TRP B 231 9.14 44.63 -15.94
CA TRP B 231 9.72 43.43 -15.33
C TRP B 231 10.94 43.81 -14.54
N PRO B 232 10.80 44.30 -13.28
CA PRO B 232 11.97 44.73 -12.50
C PRO B 232 12.99 43.59 -12.49
N GLY B 233 14.26 43.95 -12.72
CA GLY B 233 15.38 43.01 -12.61
C GLY B 233 15.79 42.36 -13.94
N VAL B 234 14.99 42.53 -14.99
CA VAL B 234 15.25 41.92 -16.28
C VAL B 234 16.62 42.36 -16.80
N THR B 235 16.88 43.68 -16.84
CA THR B 235 18.07 44.17 -17.52
C THR B 235 19.34 43.64 -16.84
N SER B 236 19.21 42.92 -15.76
CA SER B 236 20.41 42.43 -15.04
C SER B 236 20.53 40.93 -15.23
N MET B 237 19.57 40.32 -15.94
CA MET B 237 19.59 38.87 -16.07
C MET B 237 20.78 38.37 -16.91
N PRO B 238 21.25 37.13 -16.65
CA PRO B 238 22.50 36.64 -17.20
C PRO B 238 22.61 36.80 -18.71
N ASP B 239 21.55 36.46 -19.43
CA ASP B 239 21.59 36.50 -20.89
C ASP B 239 20.82 37.69 -21.42
N TYR B 240 20.43 38.63 -20.55
CA TYR B 240 19.96 39.91 -21.02
C TYR B 240 21.16 40.64 -21.61
N LYS B 241 20.91 41.32 -22.75
CA LYS B 241 21.91 42.10 -23.46
C LYS B 241 21.33 43.47 -23.79
N PRO B 242 21.98 44.59 -23.40
CA PRO B 242 21.47 45.94 -23.69
C PRO B 242 21.27 46.29 -25.16
N SER B 243 21.84 45.45 -26.04
CA SER B 243 21.83 45.66 -27.47
C SER B 243 20.45 45.29 -28.03
N PHE B 244 19.65 44.57 -27.23
CA PHE B 244 18.36 44.06 -27.66
C PHE B 244 17.52 45.21 -28.22
N PRO B 245 17.01 45.04 -29.44
CA PRO B 245 16.14 46.06 -30.02
C PRO B 245 14.95 46.30 -29.08
N LYS B 246 14.58 47.57 -28.88
CA LYS B 246 13.47 47.89 -27.97
C LYS B 246 12.19 48.03 -28.79
N TRP B 247 11.37 46.97 -28.82
CA TRP B 247 10.14 46.97 -29.59
C TRP B 247 8.99 47.39 -28.69
N ALA B 248 7.99 48.05 -29.31
CA ALA B 248 6.81 48.53 -28.62
C ALA B 248 5.84 47.39 -28.39
N ARG B 249 5.06 47.46 -27.30
CA ARG B 249 3.99 46.50 -27.05
C ARG B 249 2.86 46.85 -28.01
N GLN B 250 2.38 45.87 -28.77
CA GLN B 250 1.26 46.13 -29.66
C GLN B 250 0.00 45.81 -28.87
N ASP B 251 -1.11 46.41 -29.30
CA ASP B 251 -2.45 46.08 -28.85
C ASP B 251 -2.57 44.56 -28.74
N PHE B 252 -2.74 44.06 -27.50
CA PHE B 252 -2.88 42.64 -27.25
C PHE B 252 -4.12 42.11 -27.98
N SER B 253 -4.97 43.03 -28.44
CA SER B 253 -6.13 42.57 -29.15
C SER B 253 -5.72 42.09 -30.54
N LYS B 254 -4.49 42.44 -30.96
CA LYS B 254 -3.96 42.04 -32.25
C LYS B 254 -3.20 40.72 -32.16
N VAL B 255 -2.91 40.28 -30.93
CA VAL B 255 -2.21 39.03 -30.76
C VAL B 255 -3.15 37.89 -31.09
N VAL B 256 -4.39 37.93 -30.59
CA VAL B 256 -5.31 36.85 -30.90
C VAL B 256 -6.64 37.48 -31.32
N PRO B 257 -6.70 38.11 -32.52
CA PRO B 257 -7.84 38.92 -32.96
C PRO B 257 -9.24 38.42 -32.66
N PRO B 258 -9.57 37.11 -32.86
CA PRO B 258 -10.89 36.60 -32.53
C PRO B 258 -11.23 36.58 -31.05
N LEU B 259 -10.22 36.46 -30.19
CA LEU B 259 -10.46 36.37 -28.73
C LEU B 259 -11.17 37.65 -28.25
N ASP B 260 -11.99 37.52 -27.21
CA ASP B 260 -12.77 38.67 -26.71
C ASP B 260 -12.18 39.19 -25.41
N GLU B 261 -12.85 40.15 -24.79
CA GLU B 261 -12.28 40.82 -23.61
C GLU B 261 -11.85 39.82 -22.56
N ASP B 262 -12.73 38.87 -22.23
CA ASP B 262 -12.38 37.99 -21.13
C ASP B 262 -11.19 37.14 -21.55
N GLY B 263 -11.34 36.44 -22.68
CA GLY B 263 -10.26 35.64 -23.25
C GLY B 263 -8.93 36.37 -23.24
N ARG B 264 -8.88 37.57 -23.81
CA ARG B 264 -7.68 38.40 -23.82
C ARG B 264 -7.13 38.68 -22.42
N SER B 265 -8.04 38.96 -21.46
CA SER B 265 -7.64 39.31 -20.11
C SER B 265 -6.85 38.14 -19.59
N LEU B 266 -7.47 36.96 -19.73
CA LEU B 266 -6.86 35.75 -19.24
C LEU B 266 -5.50 35.59 -19.91
N LEU B 267 -5.51 35.69 -21.26
CA LEU B 267 -4.31 35.38 -22.03
C LEU B 267 -3.20 36.29 -21.56
N SER B 268 -3.51 37.58 -21.38
CA SER B 268 -2.51 38.60 -21.05
C SER B 268 -1.88 38.33 -19.68
N GLN B 269 -2.62 37.70 -18.78
CA GLN B 269 -2.08 37.40 -17.45
C GLN B 269 -1.26 36.12 -17.47
N MET B 270 -1.46 35.30 -18.50
CA MET B 270 -0.64 34.11 -18.63
C MET B 270 0.71 34.47 -19.22
N LEU B 271 0.78 35.53 -20.06
CA LEU B 271 1.97 35.86 -20.82
C LEU B 271 2.61 37.10 -20.24
N HIS B 272 2.27 37.46 -19.00
CA HIS B 272 2.99 38.51 -18.31
C HIS B 272 4.47 38.14 -18.33
N TYR B 273 5.33 39.12 -18.68
CA TYR B 273 6.77 38.93 -18.64
C TYR B 273 7.26 38.54 -17.24
N ASP B 274 6.93 39.35 -16.23
CA ASP B 274 7.42 39.14 -14.89
C ASP B 274 6.80 37.88 -14.29
N PRO B 275 7.56 36.80 -14.00
CA PRO B 275 7.00 35.61 -13.36
C PRO B 275 6.28 35.80 -12.04
N ASN B 276 6.55 36.92 -11.34
CA ASN B 276 5.83 37.18 -10.10
C ASN B 276 4.39 37.62 -10.37
N LYS B 277 4.14 38.29 -11.52
CA LYS B 277 2.85 38.90 -11.82
C LYS B 277 1.98 37.95 -12.62
N ARG B 278 2.60 36.93 -13.21
CA ARG B 278 1.91 36.00 -14.09
C ARG B 278 0.92 35.20 -13.26
N ILE B 279 -0.24 34.88 -13.82
CA ILE B 279 -1.32 34.27 -13.06
C ILE B 279 -0.94 32.83 -12.71
N SER B 280 -1.58 32.28 -11.67
CA SER B 280 -1.36 30.91 -11.23
C SER B 280 -2.48 30.03 -11.79
N ALA B 281 -2.21 28.72 -11.96
CA ALA B 281 -3.26 27.84 -12.42
C ALA B 281 -4.48 27.98 -11.51
N LYS B 282 -4.22 28.01 -10.22
CA LYS B 282 -5.28 28.00 -9.23
C LYS B 282 -6.16 29.26 -9.40
N ALA B 283 -5.54 30.43 -9.58
CA ALA B 283 -6.30 31.68 -9.68
C ALA B 283 -7.01 31.80 -11.02
N ALA B 284 -6.45 31.20 -12.09
CA ALA B 284 -6.97 31.33 -13.44
C ALA B 284 -8.30 30.61 -13.56
N LEU B 285 -8.45 29.46 -12.86
CA LEU B 285 -9.69 28.68 -12.84
C LEU B 285 -10.90 29.57 -12.54
N ALA B 286 -10.68 30.66 -11.80
CA ALA B 286 -11.77 31.50 -11.34
C ALA B 286 -12.03 32.67 -12.28
N HIS B 287 -11.26 32.74 -13.38
CA HIS B 287 -11.36 33.86 -14.30
C HIS B 287 -12.74 33.87 -14.95
N PRO B 288 -13.31 35.06 -15.26
CA PRO B 288 -14.61 35.16 -15.94
C PRO B 288 -14.72 34.50 -17.32
N PHE B 289 -13.57 34.36 -17.99
CA PHE B 289 -13.51 33.67 -19.26
C PHE B 289 -14.24 32.33 -19.22
N PHE B 290 -14.24 31.68 -18.05
CA PHE B 290 -14.81 30.36 -17.94
C PHE B 290 -16.22 30.42 -17.36
N GLN B 291 -16.82 31.62 -17.25
CA GLN B 291 -18.13 31.70 -16.60
C GLN B 291 -19.10 30.68 -17.21
N ASP B 292 -18.97 30.32 -18.48
CA ASP B 292 -20.03 29.55 -19.12
C ASP B 292 -19.67 28.09 -19.34
N VAL B 293 -18.47 27.69 -18.89
CA VAL B 293 -17.77 26.51 -19.40
C VAL B 293 -18.61 25.25 -19.18
N THR B 294 -18.48 24.31 -20.12
CA THR B 294 -18.94 22.95 -19.89
C THR B 294 -17.85 22.01 -20.40
N LYS B 295 -18.14 20.71 -20.54
CA LYS B 295 -17.18 19.77 -21.08
C LYS B 295 -17.80 19.04 -22.25
N PRO B 296 -18.00 19.67 -23.43
CA PRO B 296 -18.49 18.93 -24.61
C PRO B 296 -17.40 18.02 -25.19
N VAL B 297 -17.85 17.01 -25.96
CA VAL B 297 -17.03 16.04 -26.69
C VAL B 297 -16.41 16.76 -27.88
N PRO B 298 -15.24 16.31 -28.41
CA PRO B 298 -14.70 16.86 -29.65
C PRO B 298 -15.71 16.71 -30.79
N HIS B 299 -15.71 17.70 -31.68
CA HIS B 299 -16.72 17.87 -32.73
C HIS B 299 -16.31 17.14 -34.01
N LEU B 300 -15.15 16.50 -33.96
CA LEU B 300 -14.67 15.71 -35.10
C LEU B 300 -14.26 14.36 -34.52
N ARG B 301 -14.17 13.33 -35.35
CA ARG B 301 -13.87 11.97 -34.83
C ARG B 301 -12.35 11.80 -34.67
N LEU B 302 -11.93 11.13 -33.59
CA LEU B 302 -10.48 10.93 -33.31
C LEU B 302 -10.04 9.58 -33.89
N GLY C 1 7.52 36.50 -4.21
CA GLY C 1 8.31 35.81 -5.23
C GLY C 1 7.63 34.51 -5.67
N VAL C 2 7.38 34.37 -6.98
CA VAL C 2 6.89 33.12 -7.56
C VAL C 2 7.83 31.95 -7.20
N ASN C 3 9.12 32.24 -6.99
CA ASN C 3 10.09 31.24 -6.58
C ASN C 3 9.74 30.61 -5.23
N GLU C 4 8.83 31.24 -4.47
CA GLU C 4 8.37 30.71 -3.19
C GLU C 4 6.87 30.37 -3.26
N VAL C 5 6.35 30.24 -4.49
CA VAL C 5 5.04 29.68 -4.75
C VAL C 5 4.05 30.13 -3.68
N PRO C 6 3.74 31.43 -3.56
CA PRO C 6 2.66 31.90 -2.69
C PRO C 6 1.31 31.23 -2.89
N ASP C 7 0.91 30.89 -4.13
CA ASP C 7 -0.38 30.24 -4.31
C ASP C 7 -0.33 28.75 -3.96
N TYR C 8 0.83 28.20 -3.55
CA TYR C 8 0.96 26.75 -3.44
C TYR C 8 1.77 26.31 -2.21
N HIS C 9 2.35 27.23 -1.42
CA HIS C 9 3.16 26.81 -0.27
C HIS C 9 2.33 25.98 0.72
N GLU C 10 1.08 26.38 1.02
CA GLU C 10 0.29 25.63 1.98
C GLU C 10 0.03 24.24 1.42
N ASP C 11 -0.50 24.20 0.20
CA ASP C 11 -0.84 22.94 -0.46
C ASP C 11 0.35 21.99 -0.37
N ILE C 12 1.53 22.47 -0.76
CA ILE C 12 2.73 21.66 -0.75
C ILE C 12 3.05 21.21 0.68
N HIS C 13 2.96 22.13 1.64
CA HIS C 13 3.35 21.81 3.00
C HIS C 13 2.42 20.74 3.58
N THR C 14 1.11 20.97 3.48
CA THR C 14 0.10 19.98 3.83
C THR C 14 0.44 18.65 3.18
N TYR C 15 0.81 18.65 1.88
CA TYR C 15 1.04 17.42 1.12
C TYR C 15 2.30 16.71 1.65
N LEU C 16 3.36 17.47 1.91
CA LEU C 16 4.57 16.90 2.45
C LEU C 16 4.28 16.30 3.82
N ARG C 17 3.36 16.93 4.57
CA ARG C 17 3.03 16.53 5.93
C ARG C 17 2.44 15.13 5.91
N GLU C 18 1.63 14.86 4.88
CA GLU C 18 0.97 13.58 4.75
C GLU C 18 1.99 12.56 4.23
N MET C 19 2.85 12.97 3.29
CA MET C 19 3.72 12.02 2.65
C MET C 19 4.82 11.56 3.59
N GLU C 20 5.22 12.40 4.56
CA GLU C 20 6.31 12.00 5.43
C GLU C 20 5.86 10.82 6.28
N VAL C 21 4.56 10.76 6.54
CA VAL C 21 3.96 9.68 7.31
C VAL C 21 3.91 8.40 6.49
N LYS C 22 3.58 8.51 5.20
CA LYS C 22 3.62 7.36 4.31
C LYS C 22 5.06 6.87 4.11
N CYS C 23 5.99 7.80 3.95
CA CYS C 23 7.40 7.43 3.62
C CYS C 23 8.20 7.26 4.90
N LYS C 24 7.56 6.89 6.01
CA LYS C 24 8.28 6.82 7.27
C LYS C 24 8.94 5.45 7.39
N PRO C 25 10.24 5.36 7.75
CA PRO C 25 10.84 4.07 8.09
C PRO C 25 10.20 3.42 9.29
N LYS C 26 10.49 2.12 9.47
CA LYS C 26 10.10 1.38 10.66
C LYS C 26 11.03 1.82 11.78
N VAL C 27 10.53 2.17 12.95
CA VAL C 27 11.44 2.74 14.00
C VAL C 27 12.41 1.68 14.54
N GLY C 28 11.92 0.49 14.86
CA GLY C 28 12.82 -0.51 15.47
C GLY C 28 13.27 -1.52 14.43
N TYR C 29 13.80 -1.24 13.38
CA TYR C 29 14.15 -2.21 12.33
C TYR C 29 15.55 -2.75 12.56
N MET C 30 16.36 -2.01 13.30
CA MET C 30 17.76 -2.45 13.48
C MET C 30 17.74 -3.66 14.41
N LYS C 31 16.72 -3.73 15.27
CA LYS C 31 16.58 -4.87 16.20
C LYS C 31 16.21 -6.13 15.40
N LYS C 32 15.58 -5.96 14.27
CA LYS C 32 15.15 -7.09 13.41
C LYS C 32 16.20 -7.29 12.32
N GLN C 33 17.29 -6.55 12.39
CA GLN C 33 18.41 -6.71 11.48
C GLN C 33 19.44 -7.57 12.20
N PRO C 34 19.50 -8.87 11.87
CA PRO C 34 20.43 -9.79 12.52
C PRO C 34 21.90 -9.41 12.43
N ASP C 35 22.31 -8.74 11.35
CA ASP C 35 23.74 -8.65 11.08
C ASP C 35 24.24 -7.21 11.01
N ILE C 36 23.34 -6.25 11.17
CA ILE C 36 23.75 -4.86 11.18
C ILE C 36 23.17 -4.14 12.39
N THR C 37 23.78 -3.00 12.68
CA THR C 37 23.61 -2.27 13.93
C THR C 37 23.66 -0.78 13.61
N ASN C 38 23.11 0.05 14.52
CA ASN C 38 22.94 1.47 14.27
C ASN C 38 24.29 2.13 14.05
N SER C 39 25.32 1.56 14.70
CA SER C 39 26.69 1.99 14.52
C SER C 39 27.14 1.78 13.07
N MET C 40 26.91 0.57 12.53
CA MET C 40 27.26 0.32 11.11
C MET C 40 26.56 1.35 10.23
N ARG C 41 25.27 1.62 10.49
CA ARG C 41 24.51 2.61 9.71
C ARG C 41 25.22 3.98 9.80
N ALA C 42 25.52 4.42 11.02
CA ALA C 42 26.22 5.72 11.21
C ALA C 42 27.38 5.82 10.21
N ILE C 43 28.28 4.84 10.24
CA ILE C 43 29.45 4.84 9.31
C ILE C 43 28.94 5.01 7.87
N LEU C 44 27.95 4.20 7.45
CA LEU C 44 27.51 4.25 6.07
C LEU C 44 27.02 5.64 5.70
N VAL C 45 26.20 6.22 6.57
CA VAL C 45 25.64 7.51 6.24
C VAL C 45 26.77 8.53 6.14
N ASP C 46 27.73 8.43 7.08
CA ASP C 46 28.84 9.37 7.18
C ASP C 46 29.63 9.34 5.89
N TRP C 47 29.78 8.12 5.37
CA TRP C 47 30.47 7.94 4.11
C TRP C 47 29.72 8.64 2.98
N LEU C 48 28.38 8.55 2.99
CA LEU C 48 27.57 9.14 1.95
C LEU C 48 27.71 10.65 1.99
N VAL C 49 27.70 11.22 3.19
CA VAL C 49 28.02 12.63 3.38
C VAL C 49 29.29 12.96 2.61
N GLU C 50 30.29 12.09 2.77
CA GLU C 50 31.62 12.30 2.22
C GLU C 50 31.58 12.13 0.71
N VAL C 51 30.75 11.20 0.23
CA VAL C 51 30.61 11.03 -1.21
C VAL C 51 29.94 12.27 -1.81
N GLY C 52 28.99 12.84 -1.06
CA GLY C 52 28.25 14.03 -1.47
C GLY C 52 29.16 15.25 -1.64
N GLU C 53 30.04 15.51 -0.66
CA GLU C 53 31.04 16.56 -0.81
C GLU C 53 31.95 16.26 -1.99
N GLU C 54 32.37 15.00 -2.13
CA GLU C 54 33.30 14.60 -3.19
C GLU C 54 32.71 14.85 -4.58
N TYR C 55 31.42 14.60 -4.79
CA TYR C 55 30.85 14.74 -6.11
C TYR C 55 30.05 16.03 -6.22
N LYS C 56 30.16 16.90 -5.18
CA LYS C 56 29.51 18.20 -5.17
C LYS C 56 28.02 18.01 -5.49
N LEU C 57 27.36 17.22 -4.63
CA LEU C 57 25.96 16.82 -4.76
C LEU C 57 25.11 17.70 -3.86
N GLN C 58 23.85 17.89 -4.25
CA GLN C 58 22.92 18.65 -3.46
C GLN C 58 22.80 17.97 -2.11
N ASN C 59 22.54 18.78 -1.07
CA ASN C 59 22.22 18.25 0.24
C ASN C 59 20.97 17.36 0.15
N GLU C 60 19.98 17.80 -0.66
CA GLU C 60 18.72 17.11 -0.80
C GLU C 60 18.94 15.64 -1.19
N THR C 61 19.93 15.41 -2.08
CA THR C 61 20.25 14.09 -2.59
C THR C 61 20.64 13.18 -1.43
N LEU C 62 21.54 13.68 -0.55
CA LEU C 62 21.91 12.96 0.65
C LEU C 62 20.66 12.52 1.41
N HIS C 63 19.84 13.50 1.84
CA HIS C 63 18.67 13.24 2.65
C HIS C 63 17.72 12.20 2.04
N LEU C 64 17.54 12.28 0.70
CA LEU C 64 16.75 11.33 -0.05
C LEU C 64 17.38 9.93 0.02
N ALA C 65 18.71 9.86 -0.16
CA ALA C 65 19.36 8.55 -0.17
C ALA C 65 19.20 7.84 1.18
N VAL C 66 19.29 8.60 2.28
CA VAL C 66 19.14 8.07 3.62
C VAL C 66 17.72 7.55 3.82
N ASN C 67 16.72 8.27 3.29
CA ASN C 67 15.33 7.84 3.33
C ASN C 67 15.21 6.47 2.64
N TYR C 68 15.85 6.33 1.48
CA TYR C 68 15.75 5.11 0.67
C TYR C 68 16.35 3.93 1.44
N ILE C 69 17.49 4.20 2.10
CA ILE C 69 18.21 3.21 2.87
C ILE C 69 17.32 2.74 4.03
N ASP C 70 16.77 3.68 4.78
CA ASP C 70 16.01 3.35 5.97
C ASP C 70 14.76 2.53 5.58
N ARG C 71 14.08 2.96 4.49
CA ARG C 71 12.86 2.29 4.06
C ARG C 71 13.20 0.91 3.53
N PHE C 72 14.34 0.79 2.82
CA PHE C 72 14.83 -0.50 2.35
C PHE C 72 15.15 -1.43 3.52
N LEU C 73 16.02 -0.96 4.41
CA LEU C 73 16.45 -1.76 5.56
C LEU C 73 15.26 -2.09 6.49
N SER C 74 14.08 -1.48 6.27
CA SER C 74 12.89 -1.74 7.07
C SER C 74 12.12 -3.01 6.68
N SER C 75 12.27 -3.51 5.44
CA SER C 75 11.66 -4.79 5.08
C SER C 75 12.70 -5.84 4.68
N MET C 76 13.91 -5.41 4.27
CA MET C 76 14.91 -6.31 3.72
C MET C 76 16.09 -6.51 4.69
N SER C 77 16.32 -7.79 5.06
CA SER C 77 17.54 -8.20 5.77
C SER C 77 18.75 -8.05 4.87
N VAL C 78 19.82 -7.44 5.41
CA VAL C 78 21.05 -7.21 4.70
C VAL C 78 22.23 -7.55 5.62
N LEU C 79 23.20 -8.31 5.09
CA LEU C 79 24.39 -8.66 5.84
C LEU C 79 25.33 -7.46 5.82
N ARG C 80 26.30 -7.43 6.73
CA ARG C 80 27.17 -6.28 6.86
C ARG C 80 27.93 -6.06 5.54
N GLY C 81 28.24 -7.16 4.83
CA GLY C 81 29.05 -7.11 3.63
C GLY C 81 28.42 -6.35 2.47
N LYS C 82 27.07 -6.20 2.51
CA LYS C 82 26.29 -5.66 1.41
C LYS C 82 25.58 -4.38 1.81
N LEU C 83 25.83 -3.90 3.03
CA LEU C 83 25.18 -2.69 3.50
C LEU C 83 25.56 -1.51 2.60
N GLN C 84 26.79 -1.57 2.06
CA GLN C 84 27.33 -0.49 1.26
C GLN C 84 26.74 -0.52 -0.15
N LEU C 85 26.44 -1.71 -0.68
CA LEU C 85 25.89 -1.80 -2.02
C LEU C 85 24.49 -1.18 -2.00
N VAL C 86 23.73 -1.45 -0.92
CA VAL C 86 22.44 -0.83 -0.69
C VAL C 86 22.62 0.68 -0.61
N GLY C 87 23.71 1.14 0.00
CA GLY C 87 23.94 2.57 0.16
C GLY C 87 24.30 3.25 -1.15
N THR C 88 25.08 2.53 -1.97
CA THR C 88 25.57 3.05 -3.25
C THR C 88 24.40 3.11 -4.24
N ALA C 89 23.48 2.13 -4.19
CA ALA C 89 22.32 2.14 -5.05
C ALA C 89 21.36 3.25 -4.63
N ALA C 90 21.16 3.40 -3.31
CA ALA C 90 20.36 4.48 -2.79
C ALA C 90 20.85 5.81 -3.36
N MET C 91 22.19 6.03 -3.32
CA MET C 91 22.72 7.33 -3.65
C MET C 91 22.61 7.53 -5.16
N LEU C 92 22.74 6.43 -5.91
CA LEU C 92 22.62 6.49 -7.36
C LEU C 92 21.20 6.91 -7.74
N LEU C 93 20.19 6.38 -7.03
CA LEU C 93 18.81 6.69 -7.34
C LEU C 93 18.46 8.11 -6.90
N ALA C 94 18.89 8.47 -5.68
CA ALA C 94 18.77 9.84 -5.22
C ALA C 94 19.30 10.80 -6.27
N SER C 95 20.51 10.53 -6.77
CA SER C 95 21.20 11.44 -7.68
C SER C 95 20.37 11.60 -8.95
N LYS C 96 19.98 10.48 -9.55
CA LYS C 96 19.22 10.51 -10.79
C LYS C 96 17.96 11.34 -10.60
N PHE C 97 17.35 11.27 -9.42
CA PHE C 97 16.11 11.99 -9.17
C PHE C 97 16.35 13.51 -9.05
N GLU C 98 17.35 13.86 -8.24
CA GLU C 98 17.43 15.21 -7.68
C GLU C 98 18.45 16.07 -8.42
N GLU C 99 19.44 15.42 -9.08
CA GLU C 99 20.60 16.12 -9.61
C GLU C 99 20.44 16.43 -11.08
N ILE C 100 20.82 17.67 -11.44
CA ILE C 100 20.90 18.06 -12.84
C ILE C 100 21.87 17.15 -13.55
N TYR C 101 23.06 16.97 -12.94
CA TYR C 101 24.14 16.19 -13.48
C TYR C 101 24.50 15.05 -12.52
N PRO C 102 23.72 13.96 -12.46
CA PRO C 102 24.10 12.82 -11.62
C PRO C 102 25.42 12.25 -12.09
N PRO C 103 26.28 11.76 -11.17
CA PRO C 103 27.42 10.90 -11.53
C PRO C 103 27.04 9.71 -12.39
N GLU C 104 28.03 9.19 -13.12
CA GLU C 104 27.91 7.92 -13.81
C GLU C 104 27.87 6.76 -12.82
N VAL C 105 27.30 5.64 -13.27
CA VAL C 105 27.40 4.41 -12.52
C VAL C 105 28.87 4.13 -12.26
N ALA C 106 29.72 4.28 -13.30
CA ALA C 106 31.15 4.01 -13.21
C ALA C 106 31.75 4.70 -12.00
N GLU C 107 31.35 5.96 -11.78
CA GLU C 107 31.83 6.76 -10.68
C GLU C 107 31.40 6.13 -9.36
N PHE C 108 30.12 5.76 -9.26
CA PHE C 108 29.61 5.03 -8.11
C PHE C 108 30.43 3.75 -7.88
N VAL C 109 30.70 2.97 -8.95
CA VAL C 109 31.44 1.73 -8.79
C VAL C 109 32.82 2.00 -8.19
N TYR C 110 33.38 3.14 -8.60
CA TYR C 110 34.75 3.50 -8.29
C TYR C 110 34.89 3.87 -6.82
N ILE C 111 33.88 4.53 -6.23
CA ILE C 111 33.98 4.99 -4.86
C ILE C 111 33.72 3.86 -3.88
N THR C 112 33.39 2.68 -4.40
CA THR C 112 33.26 1.50 -3.54
C THR C 112 34.58 0.74 -3.53
N ASP C 113 35.71 1.45 -3.79
CA ASP C 113 37.04 0.88 -3.93
C ASP C 113 37.07 -0.37 -4.81
N ASP C 114 36.06 -0.54 -5.69
CA ASP C 114 35.88 -1.77 -6.44
C ASP C 114 35.62 -2.98 -5.52
N THR C 115 34.87 -2.77 -4.43
CA THR C 115 34.30 -3.84 -3.61
C THR C 115 33.24 -4.57 -4.45
N TYR C 116 32.44 -3.79 -5.21
CA TYR C 116 31.33 -4.30 -6.00
C TYR C 116 31.49 -3.96 -7.47
N THR C 117 30.89 -4.78 -8.34
CA THR C 117 30.92 -4.60 -9.78
C THR C 117 29.82 -3.63 -10.19
N LYS C 118 29.86 -3.21 -11.47
CA LYS C 118 28.85 -2.35 -12.08
C LYS C 118 27.51 -3.09 -12.14
N LYS C 119 27.53 -4.39 -12.48
CA LYS C 119 26.34 -5.22 -12.50
C LYS C 119 25.66 -5.30 -11.12
N GLN C 120 26.44 -5.55 -10.07
CA GLN C 120 25.87 -5.62 -8.74
C GLN C 120 25.12 -4.32 -8.38
N VAL C 121 25.61 -3.17 -8.84
CA VAL C 121 25.06 -1.89 -8.48
C VAL C 121 23.72 -1.68 -9.19
N LEU C 122 23.66 -2.08 -10.47
CA LEU C 122 22.47 -1.88 -11.27
C LEU C 122 21.34 -2.80 -10.83
N ARG C 123 21.70 -4.04 -10.45
CA ARG C 123 20.74 -5.05 -10.01
C ARG C 123 20.13 -4.62 -8.67
N MET C 124 20.98 -4.05 -7.80
CA MET C 124 20.54 -3.54 -6.51
C MET C 124 19.64 -2.33 -6.73
N GLU C 125 19.94 -1.54 -7.78
CA GLU C 125 19.14 -0.39 -8.16
C GLU C 125 17.71 -0.82 -8.42
N HIS C 126 17.52 -1.88 -9.22
CA HIS C 126 16.20 -2.44 -9.47
C HIS C 126 15.50 -2.88 -8.19
N LEU C 127 16.25 -3.60 -7.34
CA LEU C 127 15.70 -4.20 -6.14
C LEU C 127 15.24 -3.09 -5.19
N VAL C 128 16.04 -2.04 -5.06
CA VAL C 128 15.63 -0.89 -4.27
C VAL C 128 14.35 -0.29 -4.87
N LEU C 129 14.30 -0.14 -6.21
CA LEU C 129 13.15 0.44 -6.87
C LEU C 129 11.93 -0.46 -6.66
N LYS C 130 12.18 -1.77 -6.69
CA LYS C 130 11.12 -2.76 -6.48
C LYS C 130 10.62 -2.64 -5.04
N VAL C 131 11.52 -2.48 -4.09
CA VAL C 131 11.14 -2.58 -2.70
C VAL C 131 10.41 -1.30 -2.28
N LEU C 132 10.80 -0.17 -2.88
CA LEU C 132 10.19 1.09 -2.52
C LEU C 132 8.95 1.35 -3.37
N ALA C 133 8.70 0.45 -4.34
CA ALA C 133 7.65 0.56 -5.36
C ALA C 133 7.77 1.89 -6.12
N PHE C 134 9.02 2.33 -6.31
CA PHE C 134 9.32 3.55 -7.02
C PHE C 134 8.92 4.79 -6.24
N ASP C 135 8.43 4.66 -4.99
CA ASP C 135 7.90 5.81 -4.27
C ASP C 135 9.07 6.68 -3.83
N LEU C 136 9.64 7.47 -4.76
CA LEU C 136 10.96 8.08 -4.58
C LEU C 136 10.88 9.54 -4.15
N ALA C 137 9.77 10.20 -4.43
CA ALA C 137 9.58 11.60 -4.09
C ALA C 137 9.21 11.71 -2.60
N ALA C 138 10.22 11.59 -1.75
CA ALA C 138 9.99 11.51 -0.32
C ALA C 138 10.26 12.87 0.29
N PRO C 139 9.47 13.32 1.28
CA PRO C 139 9.78 14.55 2.01
C PRO C 139 11.06 14.35 2.83
N THR C 140 11.94 15.36 2.79
CA THR C 140 13.22 15.39 3.51
C THR C 140 13.18 16.47 4.60
N ILE C 141 14.17 16.40 5.50
CA ILE C 141 14.25 17.36 6.55
C ILE C 141 14.43 18.73 5.91
N ASN C 142 15.07 18.76 4.75
CA ASN C 142 15.37 20.03 4.05
C ASN C 142 14.12 20.62 3.39
N GLN C 143 13.22 19.80 2.83
CA GLN C 143 12.07 20.39 2.19
C GLN C 143 11.28 21.22 3.19
N PHE C 144 11.37 20.86 4.47
CA PHE C 144 10.68 21.59 5.51
C PHE C 144 11.49 22.84 5.90
N LEU C 145 12.81 22.64 6.10
CA LEU C 145 13.73 23.66 6.58
C LEU C 145 13.66 24.89 5.68
N THR C 146 13.72 24.67 4.36
CA THR C 146 13.71 25.76 3.40
C THR C 146 12.42 26.56 3.56
N GLN C 147 11.32 25.89 3.93
CA GLN C 147 10.04 26.54 4.12
C GLN C 147 9.99 27.33 5.42
N TYR C 148 10.48 26.69 6.49
CA TYR C 148 10.67 27.34 7.78
C TYR C 148 11.48 28.62 7.56
N PHE C 149 12.52 28.57 6.72
CA PHE C 149 13.46 29.68 6.63
C PHE C 149 12.75 30.97 6.21
N LEU C 150 11.64 30.84 5.50
CA LEU C 150 10.97 32.03 4.94
C LEU C 150 10.26 32.78 6.06
N HIS C 151 10.36 32.28 7.28
CA HIS C 151 9.68 32.90 8.44
C HIS C 151 10.71 33.62 9.29
N GLN C 152 11.84 33.97 8.70
CA GLN C 152 12.93 34.63 9.44
C GLN C 152 12.76 36.15 9.35
N GLN C 153 13.06 36.86 10.44
CA GLN C 153 12.97 38.34 10.45
C GLN C 153 14.22 38.93 11.12
N PRO C 154 15.29 39.27 10.36
CA PRO C 154 15.35 38.96 8.95
C PRO C 154 16.04 37.65 8.67
N ALA C 155 16.34 37.41 7.41
CA ALA C 155 16.99 36.14 7.02
C ALA C 155 18.44 36.13 7.46
N ASN C 156 18.85 35.11 8.20
CA ASN C 156 20.27 34.95 8.60
C ASN C 156 20.74 33.64 7.99
N CYS C 157 21.78 33.71 7.18
CA CYS C 157 22.29 32.54 6.49
C CYS C 157 23.15 31.66 7.41
N LYS C 158 23.61 32.27 8.52
CA LYS C 158 24.28 31.61 9.63
C LYS C 158 23.28 30.66 10.31
N VAL C 159 22.05 31.16 10.52
CA VAL C 159 20.95 30.38 11.04
C VAL C 159 20.65 29.26 10.07
N GLU C 160 20.54 29.58 8.76
CA GLU C 160 20.13 28.60 7.75
C GLU C 160 21.19 27.51 7.68
N SER C 161 22.46 27.90 7.59
CA SER C 161 23.53 26.92 7.47
C SER C 161 23.57 26.07 8.73
N LEU C 162 23.35 26.68 9.89
CA LEU C 162 23.37 25.94 11.14
C LEU C 162 22.19 24.98 11.19
N ALA C 163 21.04 25.38 10.65
CA ALA C 163 19.86 24.52 10.64
C ALA C 163 20.10 23.28 9.75
N MET C 164 20.70 23.52 8.58
CA MET C 164 21.11 22.51 7.62
C MET C 164 22.02 21.48 8.32
N PHE C 165 22.99 21.99 9.06
CA PHE C 165 24.03 21.21 9.73
C PHE C 165 23.41 20.27 10.75
N LEU C 166 22.52 20.80 11.60
CA LEU C 166 21.93 20.06 12.69
C LEU C 166 21.02 18.97 12.15
N GLY C 167 20.30 19.32 11.08
CA GLY C 167 19.44 18.36 10.38
C GLY C 167 20.23 17.19 9.78
N GLU C 168 21.44 17.48 9.26
CA GLU C 168 22.30 16.44 8.73
C GLU C 168 22.79 15.53 9.84
N LEU C 169 23.14 16.16 10.97
CA LEU C 169 23.66 15.45 12.13
C LEU C 169 22.66 14.36 12.52
N SER C 170 21.37 14.67 12.41
CA SER C 170 20.34 13.74 12.85
C SER C 170 20.33 12.46 12.00
N LEU C 171 20.79 12.51 10.74
CA LEU C 171 20.72 11.36 9.83
C LEU C 171 21.61 10.21 10.29
N ILE C 172 22.68 10.54 11.03
CA ILE C 172 23.75 9.61 11.32
C ILE C 172 23.27 8.57 12.33
N ASP C 173 22.47 9.05 13.28
CA ASP C 173 22.07 8.20 14.44
C ASP C 173 20.58 7.86 14.43
N ALA C 174 20.25 6.61 14.12
CA ALA C 174 18.85 6.13 14.11
C ALA C 174 18.27 6.24 15.51
N ASP C 175 19.13 6.20 16.53
CA ASP C 175 18.67 6.41 17.93
C ASP C 175 19.17 7.78 18.38
N PRO C 176 18.30 8.78 18.52
CA PRO C 176 16.86 8.54 18.46
C PRO C 176 16.10 9.22 17.37
N TYR C 177 16.67 9.35 16.19
CA TYR C 177 16.01 10.22 15.17
C TYR C 177 15.02 9.47 14.31
N LEU C 178 15.06 8.15 14.31
CA LEU C 178 14.02 7.47 13.56
C LEU C 178 12.64 7.73 14.18
N LYS C 179 12.59 8.04 15.48
CA LYS C 179 11.32 8.17 16.15
C LYS C 179 10.69 9.53 15.82
N TYR C 180 11.41 10.36 15.09
CA TYR C 180 10.92 11.69 14.77
C TYR C 180 10.75 11.84 13.25
N LEU C 181 9.63 12.46 12.86
CA LEU C 181 9.33 12.79 11.48
C LEU C 181 10.27 13.88 10.96
N PRO C 182 10.50 13.92 9.62
CA PRO C 182 11.21 15.04 8.99
C PRO C 182 10.72 16.43 9.40
N SER C 183 9.40 16.60 9.57
CA SER C 183 8.90 17.95 9.83
C SER C 183 9.27 18.39 11.25
N VAL C 184 9.47 17.41 12.14
CA VAL C 184 9.71 17.68 13.54
C VAL C 184 11.18 18.00 13.78
N ILE C 185 12.09 17.22 13.15
CA ILE C 185 13.52 17.42 13.24
C ILE C 185 13.95 18.72 12.54
N ALA C 186 13.23 19.10 11.48
CA ALA C 186 13.47 20.33 10.75
C ALA C 186 13.08 21.51 11.64
N ALA C 187 11.98 21.38 12.39
CA ALA C 187 11.53 22.40 13.31
C ALA C 187 12.46 22.52 14.51
N ALA C 188 12.86 21.37 15.08
CA ALA C 188 13.79 21.32 16.18
C ALA C 188 15.10 22.01 15.80
N ALA C 189 15.64 21.62 14.64
CA ALA C 189 16.91 22.13 14.13
C ALA C 189 16.83 23.65 13.91
N PHE C 190 15.73 24.10 13.26
CA PHE C 190 15.47 25.51 12.98
C PHE C 190 15.49 26.32 14.28
N HIS C 191 14.77 25.85 15.31
CA HIS C 191 14.72 26.55 16.59
C HIS C 191 16.11 26.64 17.22
N LEU C 192 16.81 25.50 17.21
CA LEU C 192 18.09 25.39 17.88
C LEU C 192 19.15 26.25 17.17
N ALA C 193 19.01 26.40 15.84
CA ALA C 193 19.92 27.23 15.08
C ALA C 193 19.69 28.70 15.46
N LEU C 194 18.43 29.11 15.37
CA LEU C 194 18.00 30.46 15.69
C LEU C 194 18.43 30.87 17.10
N TYR C 195 18.34 29.94 18.04
CA TYR C 195 18.61 30.25 19.43
C TYR C 195 20.10 30.52 19.61
N THR C 196 20.92 29.54 19.18
CA THR C 196 22.38 29.61 19.15
C THR C 196 22.86 30.92 18.55
N VAL C 197 22.28 31.32 17.42
CA VAL C 197 22.84 32.38 16.59
C VAL C 197 22.35 33.76 17.05
N THR C 198 21.00 33.90 17.16
CA THR C 198 20.34 35.20 17.33
C THR C 198 19.74 35.38 18.73
N GLY C 199 19.52 34.26 19.44
CA GLY C 199 18.90 34.33 20.75
C GLY C 199 17.39 34.10 20.70
N GLN C 200 16.84 34.12 19.49
CA GLN C 200 15.38 34.05 19.32
C GLN C 200 14.84 32.62 19.30
N SER C 201 13.53 32.47 19.22
CA SER C 201 12.92 31.12 19.34
C SER C 201 11.84 30.87 18.28
N TRP C 202 11.41 29.61 18.16
CA TRP C 202 10.34 29.20 17.21
C TRP C 202 9.28 30.28 17.08
N PRO C 203 9.11 30.88 15.89
CA PRO C 203 8.11 31.90 15.68
C PRO C 203 6.66 31.42 15.67
N GLU C 204 5.72 32.30 15.97
CA GLU C 204 4.29 31.94 15.92
C GLU C 204 3.93 31.67 14.48
N SER C 205 4.44 32.52 13.58
CA SER C 205 4.26 32.28 12.14
C SER C 205 4.49 30.79 11.89
N LEU C 206 5.39 30.18 12.65
CA LEU C 206 5.66 28.76 12.41
C LEU C 206 4.83 27.82 13.29
N VAL C 207 4.32 28.33 14.42
CA VAL C 207 3.31 27.66 15.23
C VAL C 207 2.03 27.52 14.41
N GLN C 208 1.75 28.53 13.58
CA GLN C 208 0.54 28.61 12.77
C GLN C 208 0.66 27.66 11.57
N LYS C 209 1.82 27.68 10.92
CA LYS C 209 2.04 26.90 9.71
C LYS C 209 1.98 25.42 10.06
N THR C 210 2.70 25.03 11.14
CA THR C 210 3.01 23.64 11.44
C THR C 210 2.10 23.08 12.54
N GLY C 211 1.69 23.95 13.47
CA GLY C 211 0.90 23.53 14.60
C GLY C 211 1.75 22.96 15.73
N TYR C 212 3.07 22.90 15.49
CA TYR C 212 4.01 22.51 16.53
C TYR C 212 4.25 23.69 17.45
N THR C 213 4.32 23.43 18.77
CA THR C 213 4.84 24.41 19.72
C THR C 213 6.14 23.91 20.34
N LEU C 214 6.82 24.81 21.08
CA LEU C 214 8.02 24.42 21.81
C LEU C 214 7.69 23.26 22.75
N GLU C 215 6.47 23.28 23.30
CA GLU C 215 5.94 22.17 24.07
C GLU C 215 6.10 20.88 23.25
N THR C 216 5.61 20.89 22.00
CA THR C 216 5.59 19.73 21.10
C THR C 216 6.98 19.26 20.75
N LEU C 217 7.87 20.24 20.48
CA LEU C 217 9.21 20.04 19.95
C LEU C 217 10.20 19.60 21.02
N LYS C 218 9.82 19.77 22.30
CA LYS C 218 10.75 19.62 23.40
C LYS C 218 11.46 18.27 23.33
N PRO C 219 10.76 17.11 23.25
CA PRO C 219 11.45 15.81 23.26
C PRO C 219 12.58 15.71 22.25
N CYS C 220 12.30 16.08 21.00
CA CYS C 220 13.25 16.06 19.90
C CYS C 220 14.35 17.08 20.15
N LEU C 221 13.93 18.25 20.63
CA LEU C 221 14.84 19.34 20.94
C LEU C 221 15.90 18.88 21.94
N LEU C 222 15.48 18.20 23.01
CA LEU C 222 16.40 17.64 23.99
C LEU C 222 17.42 16.73 23.29
N ASP C 223 16.96 15.84 22.41
CA ASP C 223 17.86 14.91 21.74
C ASP C 223 18.84 15.66 20.85
N LEU C 224 18.32 16.58 20.03
CA LEU C 224 19.13 17.27 19.04
C LEU C 224 20.22 18.10 19.72
N HIS C 225 19.87 18.69 20.89
CA HIS C 225 20.77 19.53 21.63
C HIS C 225 21.90 18.67 22.19
N GLN C 226 21.60 17.40 22.55
CA GLN C 226 22.63 16.50 23.07
C GLN C 226 23.62 16.25 21.96
N THR C 227 23.07 15.93 20.78
CA THR C 227 23.84 15.54 19.61
C THR C 227 24.74 16.70 19.18
N TYR C 228 24.28 17.94 19.39
CA TYR C 228 25.08 19.12 19.08
C TYR C 228 26.27 19.23 20.03
N LEU C 229 26.06 18.97 21.34
CA LEU C 229 27.09 19.12 22.35
C LEU C 229 28.14 18.02 22.22
N ARG C 230 27.68 16.80 21.88
CA ARG C 230 28.54 15.63 21.80
C ARG C 230 29.21 15.54 20.43
N ALA C 231 28.81 16.44 19.52
CA ALA C 231 29.15 16.31 18.11
C ALA C 231 30.66 16.26 17.87
N PRO C 232 31.50 17.09 18.52
CA PRO C 232 32.94 16.92 18.41
C PRO C 232 33.55 15.55 18.79
N GLN C 233 32.79 14.73 19.54
CA GLN C 233 33.25 13.44 20.03
C GLN C 233 32.58 12.25 19.32
N HIS C 234 31.64 12.52 18.42
CA HIS C 234 31.04 11.43 17.65
C HIS C 234 32.14 10.67 16.90
N ALA C 235 31.94 9.37 16.65
CA ALA C 235 32.89 8.62 15.86
C ALA C 235 32.91 9.13 14.42
N GLN C 236 31.78 9.67 13.98
CA GLN C 236 31.62 10.15 12.63
C GLN C 236 31.78 11.67 12.61
N GLN C 237 32.67 12.16 11.73
CA GLN C 237 33.09 13.54 11.77
C GLN C 237 32.88 14.26 10.44
N SER C 238 32.40 13.54 9.41
CA SER C 238 32.35 14.02 8.04
C SER C 238 31.41 15.21 7.86
N ILE C 239 30.38 15.29 8.71
CA ILE C 239 29.42 16.38 8.63
C ILE C 239 30.00 17.67 9.21
N ARG C 240 30.71 17.58 10.34
CA ARG C 240 31.31 18.77 10.92
C ARG C 240 32.38 19.35 9.99
N GLU C 241 33.14 18.45 9.33
CA GLU C 241 34.21 18.80 8.41
C GLU C 241 33.56 19.59 7.27
N LYS C 242 32.54 18.98 6.67
CA LYS C 242 31.78 19.55 5.58
C LYS C 242 31.35 20.96 5.93
N TYR C 243 30.81 21.15 7.13
CA TYR C 243 30.19 22.40 7.51
C TYR C 243 31.18 23.39 8.14
N LYS C 244 32.49 23.13 8.02
CA LYS C 244 33.53 24.13 8.27
C LYS C 244 33.70 25.05 7.06
N ASN C 245 33.21 24.58 5.91
CA ASN C 245 33.47 25.20 4.62
C ASN C 245 32.77 26.56 4.58
N SER C 246 33.48 27.54 4.02
CA SER C 246 32.95 28.89 3.89
C SER C 246 31.58 28.87 3.19
N LYS C 247 31.37 27.82 2.37
CA LYS C 247 30.14 27.62 1.62
C LYS C 247 28.95 27.64 2.56
N TYR C 248 29.15 27.09 3.76
CA TYR C 248 28.12 26.91 4.77
C TYR C 248 28.46 27.79 5.98
N HIS C 249 29.34 28.76 5.76
CA HIS C 249 29.48 29.85 6.72
C HIS C 249 30.17 29.33 7.97
N GLY C 250 30.99 28.27 7.78
CA GLY C 250 31.75 27.62 8.83
C GLY C 250 31.01 27.46 10.16
N VAL C 251 29.73 27.04 10.09
CA VAL C 251 28.83 27.03 11.24
C VAL C 251 29.23 25.95 12.24
N SER C 252 29.84 24.86 11.77
CA SER C 252 30.22 23.76 12.66
C SER C 252 31.37 24.21 13.57
N LEU C 253 31.79 25.47 13.42
CA LEU C 253 32.74 26.04 14.36
C LEU C 253 32.05 26.88 15.45
N LEU C 254 30.70 26.96 15.43
CA LEU C 254 30.00 27.81 16.37
C LEU C 254 29.88 26.99 17.65
N ASN C 255 29.73 27.70 18.77
CA ASN C 255 29.64 27.04 20.05
C ASN C 255 28.18 26.76 20.39
N PRO C 256 27.84 25.49 20.60
CA PRO C 256 26.47 25.16 20.97
C PRO C 256 26.23 25.82 22.33
N PRO C 257 24.97 26.21 22.65
CA PRO C 257 24.69 26.86 23.93
C PRO C 257 24.68 25.78 25.01
N GLU C 258 24.96 26.18 26.26
CA GLU C 258 25.05 25.24 27.36
C GLU C 258 23.67 24.77 27.79
N THR C 259 22.70 25.71 27.83
CA THR C 259 21.31 25.43 28.17
C THR C 259 20.40 25.89 27.05
N LEU C 260 19.16 25.37 27.07
CA LEU C 260 18.15 25.71 26.09
C LEU C 260 17.11 26.65 26.68
N ASN C 261 17.01 26.71 28.01
CA ASN C 261 16.07 27.61 28.65
C ASN C 261 14.71 27.44 27.97
N VAL C 262 14.31 26.20 27.76
CA VAL C 262 12.97 25.96 27.17
C VAL C 262 11.98 26.07 28.33
N HIS C 263 11.04 27.02 28.27
CA HIS C 263 10.14 27.28 29.43
C HIS C 263 8.69 26.98 29.10
N HIS C 264 7.79 27.35 30.01
CA HIS C 264 6.34 27.14 29.79
C HIS C 264 5.62 28.48 29.64
N HIS C 265 4.93 28.64 28.52
CA HIS C 265 4.12 29.84 28.27
C HIS C 265 2.77 29.71 28.98
N HIS C 266 2.49 30.60 29.94
CA HIS C 266 1.37 30.43 30.87
C HIS C 266 0.13 31.08 30.28
N HIS C 267 -0.81 30.21 29.88
CA HIS C 267 -2.16 30.59 29.44
C HIS C 267 -2.06 31.30 28.10
N HIS C 268 -1.34 30.70 27.15
CA HIS C 268 -1.12 31.24 25.81
C HIS C 268 -2.21 30.73 24.85
N SER D 4 13.62 -12.48 -12.30
CA SER D 4 12.44 -12.78 -11.44
C SER D 4 12.90 -13.51 -10.16
N MET D 5 13.52 -14.68 -10.36
CA MET D 5 14.23 -15.39 -9.31
C MET D 5 15.72 -15.42 -9.65
N GLU D 6 16.17 -14.37 -10.34
CA GLU D 6 17.53 -14.24 -10.83
C GLU D 6 18.43 -13.81 -9.68
N ASN D 7 17.84 -13.24 -8.62
CA ASN D 7 18.58 -12.77 -7.46
C ASN D 7 18.64 -13.84 -6.38
N PHE D 8 17.77 -14.85 -6.47
CA PHE D 8 17.79 -15.98 -5.55
C PHE D 8 18.70 -17.06 -6.14
N GLN D 9 19.62 -17.55 -5.32
CA GLN D 9 20.50 -18.64 -5.72
C GLN D 9 20.29 -19.82 -4.81
N LYS D 10 20.00 -20.97 -5.42
CA LYS D 10 19.52 -22.15 -4.73
C LYS D 10 20.72 -22.83 -4.06
N VAL D 11 20.50 -23.40 -2.87
CA VAL D 11 21.59 -23.93 -2.05
C VAL D 11 21.37 -25.44 -1.90
N GLU D 12 20.20 -25.81 -1.38
CA GLU D 12 19.80 -27.21 -1.26
C GLU D 12 18.29 -27.31 -1.06
N LYS D 13 17.75 -28.54 -1.19
CA LYS D 13 16.35 -28.84 -0.91
C LYS D 13 16.21 -29.03 0.60
N ILE D 14 15.07 -28.61 1.18
CA ILE D 14 14.85 -28.90 2.58
C ILE D 14 13.49 -29.55 2.86
N GLY D 15 12.86 -30.16 1.85
CA GLY D 15 11.73 -31.05 2.10
C GLY D 15 10.47 -30.62 1.35
N GLU D 16 9.35 -31.28 1.67
CA GLU D 16 8.04 -30.97 1.05
C GLU D 16 7.00 -31.07 2.17
N GLY D 17 5.96 -30.25 2.14
CA GLY D 17 5.01 -30.23 3.27
C GLY D 17 3.59 -30.49 2.84
N THR D 18 2.65 -29.62 3.20
CA THR D 18 1.27 -29.80 2.72
C THR D 18 1.34 -29.79 1.22
N TYR D 19 2.15 -28.89 0.66
CA TYR D 19 2.24 -28.77 -0.81
C TYR D 19 3.53 -28.10 -1.20
N GLY D 20 4.06 -28.45 -2.36
CA GLY D 20 5.24 -27.76 -2.88
C GLY D 20 6.55 -28.37 -2.46
N VAL D 21 7.64 -27.90 -3.07
CA VAL D 21 9.01 -28.31 -2.66
C VAL D 21 9.63 -27.05 -2.05
N VAL D 22 10.29 -27.20 -0.91
CA VAL D 22 10.93 -26.06 -0.26
C VAL D 22 12.44 -26.20 -0.37
N TYR D 23 13.08 -25.13 -0.87
CA TYR D 23 14.52 -25.05 -0.99
C TYR D 23 15.06 -23.92 -0.13
N LYS D 24 16.35 -24.04 0.20
CA LYS D 24 17.10 -23.05 0.95
C LYS D 24 17.89 -22.23 -0.06
N ALA D 25 17.89 -20.91 0.12
CA ALA D 25 18.39 -20.01 -0.89
C ALA D 25 19.07 -18.81 -0.24
N ARG D 26 19.86 -18.10 -1.06
CA ARG D 26 20.56 -16.90 -0.65
C ARG D 26 20.21 -15.80 -1.65
N ASN D 27 19.74 -14.65 -1.14
CA ASN D 27 19.62 -13.44 -1.93
C ASN D 27 21.03 -12.97 -2.29
N LYS D 28 21.33 -12.94 -3.58
CA LYS D 28 22.65 -12.61 -4.08
C LYS D 28 23.00 -11.14 -3.81
N LEU D 29 21.98 -10.31 -3.61
CA LEU D 29 22.25 -8.85 -3.47
C LEU D 29 22.40 -8.46 -1.99
N THR D 30 21.61 -9.06 -1.11
CA THR D 30 21.66 -8.66 0.32
C THR D 30 22.35 -9.72 1.14
N GLY D 31 22.55 -10.92 0.57
CA GLY D 31 23.15 -12.04 1.33
C GLY D 31 22.12 -12.68 2.24
N GLU D 32 20.85 -12.27 2.12
CA GLU D 32 19.80 -12.79 3.04
C GLU D 32 19.51 -14.27 2.73
N VAL D 33 19.59 -15.13 3.74
CA VAL D 33 19.28 -16.54 3.54
C VAL D 33 17.77 -16.73 3.72
N VAL D 34 17.14 -17.47 2.80
CA VAL D 34 15.69 -17.58 2.82
C VAL D 34 15.31 -19.02 2.52
N ALA D 35 14.01 -19.33 2.68
CA ALA D 35 13.48 -20.57 2.16
C ALA D 35 12.38 -20.24 1.16
N LEU D 36 12.42 -20.88 -0.02
CA LEU D 36 11.44 -20.62 -1.06
C LEU D 36 10.56 -21.86 -1.22
N LYS D 37 9.30 -21.80 -0.76
CA LYS D 37 8.29 -22.79 -1.15
C LYS D 37 7.88 -22.46 -2.59
N LYS D 38 8.02 -23.45 -3.50
CA LYS D 38 7.73 -23.34 -4.93
C LYS D 38 6.45 -24.12 -5.19
N ILE D 39 5.38 -23.44 -5.65
CA ILE D 39 4.06 -24.07 -5.78
C ILE D 39 3.68 -24.10 -7.25
N ARG D 40 3.57 -25.31 -7.81
CA ARG D 40 3.29 -25.49 -9.23
C ARG D 40 1.81 -25.20 -9.48
N LEU D 41 1.53 -24.35 -10.48
CA LEU D 41 0.16 -23.97 -10.79
C LEU D 41 -0.34 -24.81 -11.96
N ASP D 42 -1.64 -25.15 -11.95
CA ASP D 42 -2.22 -25.97 -13.01
C ASP D 42 -2.97 -25.04 -13.96
N THR D 43 -2.27 -24.45 -14.94
CA THR D 43 -2.76 -23.29 -15.64
C THR D 43 -3.74 -23.66 -16.76
N GLU D 44 -4.04 -24.95 -16.91
CA GLU D 44 -5.04 -25.40 -17.86
C GLU D 44 -6.13 -26.15 -17.10
N THR D 45 -5.99 -26.28 -15.78
CA THR D 45 -6.81 -27.24 -15.03
C THR D 45 -7.44 -26.60 -13.79
N GLU D 46 -6.75 -26.56 -12.66
CA GLU D 46 -7.39 -26.12 -11.43
C GLU D 46 -6.87 -24.76 -10.99
N GLY D 47 -5.91 -24.19 -11.72
CA GLY D 47 -5.32 -22.93 -11.30
C GLY D 47 -4.66 -23.02 -9.93
N VAL D 48 -4.66 -21.90 -9.21
CA VAL D 48 -3.90 -21.73 -7.98
C VAL D 48 -4.56 -22.57 -6.89
N PRO D 49 -3.80 -23.49 -6.23
CA PRO D 49 -4.38 -24.40 -5.23
C PRO D 49 -4.95 -23.67 -4.03
N SER D 50 -6.09 -24.18 -3.53
CA SER D 50 -6.78 -23.66 -2.37
C SER D 50 -5.84 -23.59 -1.16
N THR D 51 -4.94 -24.57 -0.99
CA THR D 51 -4.02 -24.58 0.15
C THR D 51 -3.10 -23.37 0.10
N ALA D 52 -2.76 -22.92 -1.10
CA ALA D 52 -1.79 -21.85 -1.28
C ALA D 52 -2.47 -20.49 -1.05
N ILE D 53 -3.73 -20.39 -1.51
CA ILE D 53 -4.57 -19.22 -1.32
C ILE D 53 -4.81 -18.96 0.17
N ARG D 54 -4.96 -20.03 0.95
CA ARG D 54 -5.16 -19.90 2.40
C ARG D 54 -3.84 -19.55 3.08
N GLU D 55 -2.77 -20.27 2.77
CA GLU D 55 -1.49 -20.00 3.49
C GLU D 55 -1.04 -18.57 3.20
N ILE D 56 -1.11 -18.12 1.94
CA ILE D 56 -0.57 -16.82 1.57
C ILE D 56 -1.37 -15.72 2.28
N SER D 57 -2.69 -15.80 2.19
CA SER D 57 -3.58 -14.76 2.70
C SER D 57 -3.49 -14.66 4.22
N LEU D 58 -3.55 -15.82 4.88
CA LEU D 58 -3.57 -15.91 6.32
C LEU D 58 -2.23 -15.48 6.89
N LEU D 59 -1.13 -15.91 6.25
CA LEU D 59 0.22 -15.56 6.68
C LEU D 59 0.57 -14.09 6.42
N LYS D 60 -0.25 -13.37 5.65
CA LYS D 60 -0.05 -11.94 5.47
C LYS D 60 -0.68 -11.18 6.63
N GLU D 61 -1.79 -11.71 7.15
CA GLU D 61 -2.42 -11.12 8.32
C GLU D 61 -1.45 -11.24 9.49
N LEU D 62 -0.83 -12.42 9.58
CA LEU D 62 -0.21 -12.90 10.80
C LEU D 62 1.23 -12.44 10.84
N ASN D 63 1.47 -11.39 11.63
CA ASN D 63 2.80 -10.85 11.85
C ASN D 63 3.07 -10.91 13.34
N HIS D 64 3.76 -11.98 13.73
CA HIS D 64 4.11 -12.27 15.11
C HIS D 64 5.45 -12.98 15.11
N PRO D 65 6.27 -12.79 16.16
CA PRO D 65 7.62 -13.34 16.16
C PRO D 65 7.66 -14.86 16.36
N ASN D 66 6.55 -15.48 16.79
CA ASN D 66 6.43 -16.93 16.94
C ASN D 66 5.57 -17.55 15.83
N ILE D 67 5.41 -16.81 14.72
CA ILE D 67 4.85 -17.32 13.48
C ILE D 67 5.84 -17.00 12.37
N VAL D 68 6.15 -18.01 11.55
CA VAL D 68 7.11 -17.87 10.46
C VAL D 68 6.70 -16.71 9.55
N LYS D 69 7.73 -16.02 9.05
CA LYS D 69 7.53 -14.79 8.30
C LYS D 69 7.56 -15.06 6.81
N LEU D 70 6.40 -14.91 6.18
CA LEU D 70 6.34 -14.71 4.75
C LEU D 70 6.93 -13.33 4.47
N LEU D 71 7.81 -13.26 3.46
CA LEU D 71 8.58 -12.09 3.08
C LEU D 71 8.04 -11.50 1.79
N ASP D 72 7.98 -12.34 0.73
CA ASP D 72 7.60 -11.94 -0.61
C ASP D 72 6.89 -13.11 -1.28
N VAL D 73 6.12 -12.80 -2.34
CA VAL D 73 5.46 -13.80 -3.16
C VAL D 73 5.76 -13.41 -4.59
N ILE D 74 6.48 -14.28 -5.33
CA ILE D 74 6.90 -14.00 -6.68
C ILE D 74 6.01 -14.80 -7.62
N HIS D 75 5.26 -14.09 -8.48
CA HIS D 75 4.39 -14.73 -9.45
C HIS D 75 5.15 -14.86 -10.76
N THR D 76 4.92 -15.97 -11.46
CA THR D 76 5.21 -16.05 -12.87
C THR D 76 3.90 -16.56 -13.48
N GLU D 77 3.87 -16.82 -14.80
CA GLU D 77 2.66 -17.30 -15.47
C GLU D 77 2.41 -18.77 -15.10
N ASN D 78 3.47 -19.51 -14.73
CA ASN D 78 3.44 -20.95 -14.56
C ASN D 78 3.95 -21.39 -13.19
N LYS D 79 4.65 -20.52 -12.45
CA LYS D 79 5.14 -20.87 -11.12
C LYS D 79 4.67 -19.84 -10.09
N LEU D 80 4.65 -20.22 -8.81
CA LEU D 80 4.45 -19.27 -7.72
C LEU D 80 5.48 -19.52 -6.62
N TYR D 81 6.24 -18.50 -6.17
CA TYR D 81 7.27 -18.77 -5.17
C TYR D 81 7.03 -18.00 -3.88
N LEU D 82 6.92 -18.72 -2.76
CA LEU D 82 6.77 -18.06 -1.47
C LEU D 82 8.16 -17.93 -0.86
N VAL D 83 8.52 -16.71 -0.47
CA VAL D 83 9.82 -16.43 0.12
C VAL D 83 9.63 -16.30 1.62
N PHE D 84 10.05 -17.33 2.37
CA PHE D 84 9.98 -17.31 3.83
C PHE D 84 11.30 -16.88 4.43
N GLU D 85 11.27 -16.44 5.70
CA GLU D 85 12.50 -16.31 6.46
C GLU D 85 13.03 -17.72 6.70
N PHE D 86 14.36 -17.88 6.73
CA PHE D 86 14.96 -19.19 6.90
C PHE D 86 15.18 -19.45 8.38
N LEU D 87 14.69 -20.61 8.88
CA LEU D 87 14.98 -21.09 10.23
C LEU D 87 15.75 -22.41 10.17
N HIS D 88 16.64 -22.62 11.14
CA HIS D 88 17.75 -23.57 11.05
C HIS D 88 17.29 -25.00 10.82
N GLN D 89 16.18 -25.39 11.46
CA GLN D 89 15.61 -26.73 11.39
C GLN D 89 14.28 -26.82 12.13
N ASP D 90 13.66 -28.02 12.11
CA ASP D 90 12.35 -28.23 12.68
C ASP D 90 12.46 -28.98 14.01
N LEU D 91 11.42 -28.84 14.86
CA LEU D 91 11.38 -29.43 16.19
C LEU D 91 11.64 -30.94 16.14
N LYS D 92 11.19 -31.58 15.07
CA LYS D 92 11.30 -33.03 14.96
C LYS D 92 12.77 -33.40 14.89
N LYS D 93 13.51 -32.72 14.01
CA LYS D 93 14.91 -33.05 13.78
C LYS D 93 15.71 -32.81 15.04
N PHE D 94 15.36 -31.71 15.73
CA PHE D 94 16.00 -31.32 16.99
C PHE D 94 15.74 -32.36 18.06
N MET D 95 14.48 -32.81 18.15
CA MET D 95 14.08 -33.86 19.07
C MET D 95 14.86 -35.14 18.81
N ASP D 96 15.12 -35.48 17.54
CA ASP D 96 15.83 -36.70 17.20
C ASP D 96 17.31 -36.56 17.53
N ALA D 97 17.90 -35.40 17.26
CA ALA D 97 19.28 -35.18 17.66
C ALA D 97 19.37 -35.22 19.18
N SER D 98 18.26 -34.88 19.86
CA SER D 98 18.20 -34.79 21.31
C SER D 98 17.71 -36.09 21.94
N ALA D 99 17.62 -37.17 21.15
CA ALA D 99 17.08 -38.43 21.64
C ALA D 99 17.89 -38.99 22.82
N LEU D 100 19.22 -38.94 22.77
CA LEU D 100 19.98 -39.53 23.86
C LEU D 100 20.29 -38.50 24.95
N THR D 101 20.59 -37.24 24.58
CA THR D 101 21.03 -36.25 25.56
C THR D 101 19.85 -35.79 26.41
N GLY D 102 18.70 -35.58 25.76
CA GLY D 102 17.55 -34.93 26.39
C GLY D 102 17.52 -33.45 26.00
N ILE D 103 16.34 -32.82 26.16
CA ILE D 103 16.17 -31.38 26.00
C ILE D 103 16.04 -30.74 27.38
N PRO D 104 16.91 -29.78 27.76
CA PRO D 104 16.80 -29.08 29.05
C PRO D 104 15.39 -28.54 29.32
N LEU D 105 14.91 -28.78 30.55
CA LEU D 105 13.53 -28.50 30.94
C LEU D 105 13.25 -27.00 30.83
N PRO D 106 14.22 -26.09 31.10
CA PRO D 106 14.09 -24.68 30.75
C PRO D 106 13.73 -24.40 29.30
N LEU D 107 14.35 -25.13 28.36
CA LEU D 107 14.11 -24.89 26.95
C LEU D 107 12.70 -25.36 26.56
N ILE D 108 12.24 -26.44 27.20
CA ILE D 108 10.93 -27.00 26.91
C ILE D 108 9.87 -25.96 27.29
N LYS D 109 10.06 -25.31 28.43
CA LYS D 109 9.18 -24.25 28.86
C LYS D 109 9.21 -23.13 27.82
N SER D 110 10.43 -22.72 27.45
CA SER D 110 10.62 -21.64 26.51
C SER D 110 9.87 -21.99 25.23
N TYR D 111 10.15 -23.17 24.67
CA TYR D 111 9.56 -23.54 23.40
C TYR D 111 8.03 -23.56 23.52
N LEU D 112 7.50 -24.17 24.60
CA LEU D 112 6.06 -24.26 24.81
C LEU D 112 5.42 -22.87 24.88
N PHE D 113 6.08 -21.98 25.63
CA PHE D 113 5.61 -20.63 25.90
C PHE D 113 5.45 -19.87 24.58
N GLN D 114 6.53 -19.90 23.78
CA GLN D 114 6.56 -19.27 22.47
C GLN D 114 5.48 -19.86 21.56
N LEU D 115 5.34 -21.19 21.56
CA LEU D 115 4.32 -21.88 20.77
C LEU D 115 2.92 -21.42 21.18
N LEU D 116 2.71 -21.15 22.48
CA LEU D 116 1.42 -20.76 23.00
C LEU D 116 1.09 -19.29 22.71
N GLN D 117 2.12 -18.42 22.79
CA GLN D 117 1.99 -17.04 22.36
C GLN D 117 1.60 -17.02 20.88
N GLY D 118 2.37 -17.78 20.08
CA GLY D 118 2.17 -17.90 18.65
C GLY D 118 0.73 -18.31 18.36
N LEU D 119 0.29 -19.42 18.95
CA LEU D 119 -1.03 -19.98 18.67
C LEU D 119 -2.15 -19.11 19.24
N ALA D 120 -1.90 -18.47 20.40
CA ALA D 120 -2.87 -17.53 20.92
C ALA D 120 -3.06 -16.37 19.93
N PHE D 121 -1.97 -15.96 19.26
CA PHE D 121 -2.04 -14.92 18.24
C PHE D 121 -2.91 -15.39 17.07
N CYS D 122 -2.68 -16.62 16.62
CA CYS D 122 -3.54 -17.19 15.59
C CYS D 122 -4.99 -17.12 16.01
N HIS D 123 -5.33 -17.66 17.19
CA HIS D 123 -6.73 -17.77 17.59
C HIS D 123 -7.37 -16.39 17.76
N SER D 124 -6.59 -15.42 18.24
CA SER D 124 -7.04 -14.06 18.39
C SER D 124 -7.42 -13.45 17.05
N HIS D 125 -6.90 -14.04 15.96
CA HIS D 125 -7.13 -13.49 14.62
C HIS D 125 -7.95 -14.43 13.76
N ARG D 126 -8.82 -15.19 14.20
CA ARG D 126 -9.77 -16.00 13.40
C ARG D 126 -9.09 -17.17 12.64
N VAL D 127 -7.87 -17.64 13.15
CA VAL D 127 -7.22 -18.69 12.37
C VAL D 127 -7.03 -19.97 13.20
N LEU D 128 -7.40 -21.11 12.60
CA LEU D 128 -6.96 -22.42 13.06
C LEU D 128 -5.75 -22.90 12.25
N HIS D 129 -4.70 -23.39 12.93
CA HIS D 129 -3.55 -23.93 12.23
C HIS D 129 -3.88 -25.34 11.70
N ARG D 130 -4.41 -26.21 12.56
CA ARG D 130 -4.99 -27.46 12.14
C ARG D 130 -3.96 -28.48 11.61
N ASP D 131 -2.66 -28.26 11.84
CA ASP D 131 -1.63 -29.22 11.50
C ASP D 131 -0.36 -28.92 12.31
N LEU D 132 -0.53 -28.80 13.62
CA LEU D 132 0.61 -28.53 14.48
C LEU D 132 1.26 -29.86 14.80
N LYS D 133 2.53 -29.98 14.44
CA LYS D 133 3.26 -31.23 14.61
C LYS D 133 4.72 -30.81 14.60
N PRO D 134 5.62 -31.56 15.26
CA PRO D 134 7.00 -31.11 15.43
C PRO D 134 7.72 -30.75 14.12
N GLN D 135 7.24 -31.28 13.00
CA GLN D 135 7.84 -31.09 11.68
C GLN D 135 7.39 -29.76 11.07
N ASN D 136 6.33 -29.18 11.65
CA ASN D 136 5.84 -27.89 11.24
C ASN D 136 6.23 -26.81 12.25
N LEU D 137 7.22 -27.06 13.12
CA LEU D 137 7.64 -26.02 14.06
C LEU D 137 9.13 -25.75 13.87
N LEU D 138 9.50 -24.50 13.56
CA LEU D 138 10.88 -24.17 13.18
C LEU D 138 11.57 -23.43 14.31
N ILE D 139 12.84 -23.79 14.55
CA ILE D 139 13.65 -23.15 15.58
C ILE D 139 14.85 -22.52 14.90
N ASN D 140 15.34 -21.39 15.45
CA ASN D 140 16.65 -20.89 15.07
C ASN D 140 17.66 -21.21 16.16
N THR D 141 18.88 -20.66 16.02
CA THR D 141 20.02 -20.97 16.88
C THR D 141 20.02 -20.14 18.17
N GLU D 142 19.01 -19.26 18.34
CA GLU D 142 19.00 -18.27 19.41
C GLU D 142 17.81 -18.45 20.35
N GLY D 143 17.07 -19.55 20.20
CA GLY D 143 16.14 -19.97 21.24
C GLY D 143 14.67 -19.65 20.92
N ALA D 144 14.42 -19.25 19.66
CA ALA D 144 13.08 -18.97 19.19
C ALA D 144 12.52 -20.20 18.48
N ILE D 145 11.19 -20.32 18.55
CA ILE D 145 10.46 -21.35 17.82
C ILE D 145 9.25 -20.66 17.17
N LYS D 146 8.83 -21.18 16.00
CA LYS D 146 7.77 -20.53 15.25
C LYS D 146 6.85 -21.55 14.57
N LEU D 147 5.54 -21.27 14.59
CA LEU D 147 4.54 -22.01 13.84
C LEU D 147 4.82 -21.84 12.34
N ALA D 148 4.69 -22.94 11.60
CA ALA D 148 4.90 -22.92 10.13
C ALA D 148 3.93 -23.86 9.43
N ASP D 149 4.01 -23.97 8.11
CA ASP D 149 3.07 -24.78 7.27
C ASP D 149 1.62 -24.42 7.59
N PHE D 150 1.15 -23.32 7.02
CA PHE D 150 -0.25 -22.91 7.23
C PHE D 150 -1.07 -23.37 6.03
N GLY D 151 -0.73 -24.53 5.47
CA GLY D 151 -1.45 -25.07 4.31
C GLY D 151 -2.75 -25.73 4.70
N LEU D 152 -2.84 -26.26 5.92
CA LEU D 152 -4.12 -26.83 6.41
C LEU D 152 -4.80 -25.83 7.35
N ALA D 153 -4.37 -24.57 7.28
CA ALA D 153 -4.95 -23.50 8.12
C ALA D 153 -6.32 -23.11 7.59
N ARG D 154 -6.99 -22.23 8.32
CA ARG D 154 -8.35 -21.88 7.94
C ARG D 154 -8.85 -20.71 8.80
N ALA D 155 -9.36 -19.66 8.15
CA ALA D 155 -10.05 -18.58 8.83
C ALA D 155 -11.43 -19.07 9.26
N PHE D 156 -11.75 -18.95 10.55
CA PHE D 156 -13.02 -19.44 11.06
C PHE D 156 -13.92 -18.25 11.41
N GLY D 157 -15.23 -18.52 11.51
CA GLY D 157 -16.24 -17.57 11.95
C GLY D 157 -16.78 -17.98 13.33
N VAL D 158 -17.58 -17.11 13.97
CA VAL D 158 -18.01 -17.30 15.34
C VAL D 158 -19.54 -17.28 15.46
N PRO D 159 -20.22 -18.39 15.86
CA PRO D 159 -19.57 -19.68 16.11
C PRO D 159 -19.08 -20.42 14.88
N VAL D 160 -18.23 -21.43 15.11
CA VAL D 160 -17.62 -22.19 13.99
C VAL D 160 -18.67 -23.08 13.31
N ARG D 161 -18.38 -23.38 11.97
CA ARG D 161 -19.27 -24.29 11.21
C ARG D 161 -18.57 -25.65 11.08
N THR D 162 -19.26 -26.65 10.49
CA THR D 162 -18.56 -27.90 10.14
C THR D 162 -17.41 -27.55 9.22
N TYR D 163 -16.17 -27.88 9.63
CA TYR D 163 -14.99 -27.62 8.75
C TYR D 163 -14.51 -28.96 8.18
N TPO D 164 -13.38 -28.93 7.47
CA TPO D 164 -12.90 -30.15 6.81
CB TPO D 164 -11.66 -29.90 5.95
CG2 TPO D 164 -11.21 -31.14 5.22
OG1 TPO D 164 -11.96 -28.89 4.93
P TPO D 164 -11.45 -27.38 5.15
O1P TPO D 164 -9.95 -27.38 5.41
O2P TPO D 164 -11.82 -26.69 3.84
O3P TPO D 164 -12.18 -26.89 6.39
C TPO D 164 -12.57 -31.21 7.86
O TPO D 164 -11.95 -30.89 8.87
N HIS D 165 -12.94 -32.46 7.59
CA HIS D 165 -12.72 -33.53 8.56
C HIS D 165 -11.27 -33.99 8.52
N GLU D 166 -10.76 -34.09 7.25
CA GLU D 166 -9.38 -34.55 7.03
C GLU D 166 -8.37 -33.50 7.49
N VAL D 167 -8.15 -33.41 8.83
CA VAL D 167 -7.19 -32.44 9.37
C VAL D 167 -6.39 -33.02 10.54
N VAL D 168 -5.17 -32.47 10.71
CA VAL D 168 -4.15 -32.86 11.69
C VAL D 168 -3.63 -34.27 11.39
N THR D 169 -2.31 -34.45 11.41
CA THR D 169 -1.71 -35.78 11.39
C THR D 169 -2.26 -36.60 12.56
N LEU D 170 -2.57 -37.88 12.27
CA LEU D 170 -3.22 -38.80 13.21
C LEU D 170 -2.76 -38.66 14.67
N TRP D 171 -1.45 -38.71 14.94
CA TRP D 171 -0.91 -38.69 16.29
C TRP D 171 -1.33 -37.42 17.05
N TYR D 172 -1.52 -36.35 16.30
CA TYR D 172 -1.65 -35.04 16.91
C TYR D 172 -3.12 -34.63 16.91
N ARG D 173 -3.96 -35.53 16.36
CA ARG D 173 -5.38 -35.26 16.13
C ARG D 173 -6.17 -35.41 17.41
N ALA D 174 -6.95 -34.35 17.74
CA ALA D 174 -7.81 -34.34 18.93
C ALA D 174 -8.94 -35.32 18.76
N PRO D 175 -9.47 -35.90 19.86
CA PRO D 175 -10.47 -36.97 19.78
C PRO D 175 -11.79 -36.55 19.11
N GLU D 176 -12.17 -35.27 19.24
CA GLU D 176 -13.43 -34.78 18.69
C GLU D 176 -13.45 -34.94 17.16
N ILE D 177 -12.26 -34.81 16.55
CA ILE D 177 -12.05 -34.96 15.12
C ILE D 177 -12.08 -36.44 14.75
N LEU D 178 -11.40 -37.27 15.56
CA LEU D 178 -11.37 -38.72 15.39
C LEU D 178 -12.78 -39.31 15.40
N LEU D 179 -13.63 -38.79 16.30
CA LEU D 179 -14.97 -39.33 16.57
C LEU D 179 -16.01 -38.76 15.60
N GLY D 180 -15.61 -37.79 14.78
CA GLY D 180 -16.45 -37.29 13.70
C GLY D 180 -17.39 -36.18 14.17
N CYS D 181 -16.96 -35.40 15.17
CA CYS D 181 -17.86 -34.40 15.72
C CYS D 181 -18.23 -33.40 14.63
N LYS D 182 -19.54 -33.07 14.55
CA LYS D 182 -20.02 -32.09 13.58
C LYS D 182 -19.21 -30.79 13.64
N TYR D 183 -18.96 -30.30 14.86
CA TYR D 183 -18.13 -29.12 15.04
C TYR D 183 -16.84 -29.48 15.76
N TYR D 184 -15.83 -28.61 15.56
CA TYR D 184 -14.59 -28.51 16.32
C TYR D 184 -14.07 -27.08 16.15
N SER D 185 -13.10 -26.70 17.00
CA SER D 185 -12.71 -25.31 17.21
C SER D 185 -11.23 -25.23 17.60
N THR D 186 -10.84 -24.14 18.26
CA THR D 186 -9.48 -23.85 18.72
C THR D 186 -8.94 -24.96 19.62
N ALA D 187 -9.85 -25.69 20.29
CA ALA D 187 -9.51 -26.88 21.06
C ALA D 187 -8.49 -27.75 20.33
N VAL D 188 -8.69 -27.97 19.03
CA VAL D 188 -7.95 -28.99 18.32
C VAL D 188 -6.46 -28.65 18.29
N ASP D 189 -6.14 -27.36 18.20
CA ASP D 189 -4.74 -26.94 18.11
C ASP D 189 -4.04 -27.09 19.46
N ILE D 190 -4.76 -26.82 20.54
CA ILE D 190 -4.22 -26.98 21.89
C ILE D 190 -3.85 -28.45 22.10
N TRP D 191 -4.81 -29.36 21.83
CA TRP D 191 -4.57 -30.79 21.95
C TRP D 191 -3.20 -31.12 21.35
N SER D 192 -2.96 -30.59 20.15
CA SER D 192 -1.72 -30.84 19.43
C SER D 192 -0.53 -30.34 20.26
N LEU D 193 -0.62 -29.09 20.75
CA LEU D 193 0.51 -28.57 21.51
C LEU D 193 0.69 -29.39 22.78
N GLY D 194 -0.40 -30.02 23.23
CA GLY D 194 -0.36 -30.84 24.43
C GLY D 194 0.41 -32.12 24.14
N CYS D 195 0.13 -32.70 22.97
CA CYS D 195 0.88 -33.84 22.50
C CYS D 195 2.34 -33.46 22.30
N ILE D 196 2.59 -32.23 21.82
CA ILE D 196 3.95 -31.80 21.50
C ILE D 196 4.71 -31.50 22.80
N PHE D 197 3.99 -31.03 23.84
CA PHE D 197 4.62 -30.72 25.12
C PHE D 197 5.30 -31.97 25.65
N ALA D 198 4.50 -33.04 25.68
CA ALA D 198 4.90 -34.35 26.14
C ALA D 198 6.12 -34.84 25.36
N GLU D 199 6.15 -34.57 24.05
CA GLU D 199 7.15 -35.13 23.15
C GLU D 199 8.52 -34.44 23.34
N MET D 200 8.49 -33.18 23.78
CA MET D 200 9.73 -32.48 24.06
C MET D 200 10.37 -33.10 25.30
N VAL D 201 9.55 -33.56 26.25
CA VAL D 201 10.05 -34.09 27.52
C VAL D 201 10.71 -35.44 27.28
N THR D 202 9.96 -36.36 26.67
CA THR D 202 10.34 -37.75 26.48
C THR D 202 11.05 -37.96 25.15
N ARG D 203 10.78 -37.11 24.15
CA ARG D 203 11.34 -37.20 22.80
C ARG D 203 10.74 -38.34 21.99
N ARG D 204 9.76 -39.06 22.57
CA ARG D 204 8.89 -39.96 21.83
C ARG D 204 7.48 -39.38 21.76
N ALA D 205 6.78 -39.59 20.64
CA ALA D 205 5.41 -39.15 20.46
C ALA D 205 4.51 -39.88 21.45
N LEU D 206 3.50 -39.14 21.93
CA LEU D 206 2.70 -39.52 23.08
C LEU D 206 1.61 -40.49 22.66
N PHE D 207 1.00 -40.26 21.50
CA PHE D 207 -0.10 -41.11 21.06
C PHE D 207 0.18 -41.59 19.63
N PRO D 208 1.16 -42.52 19.44
CA PRO D 208 1.51 -43.00 18.11
C PRO D 208 0.68 -44.16 17.52
N GLY D 209 -0.58 -43.84 17.18
CA GLY D 209 -1.48 -44.86 16.66
C GLY D 209 -1.10 -45.33 15.25
N ASP D 210 -1.41 -46.60 14.97
CA ASP D 210 -1.26 -47.13 13.63
C ASP D 210 -2.54 -46.89 12.85
N SER D 211 -3.64 -46.71 13.57
CA SER D 211 -4.96 -46.59 12.98
C SER D 211 -5.79 -45.62 13.80
N GLU D 212 -6.98 -45.30 13.29
CA GLU D 212 -7.90 -44.43 14.02
C GLU D 212 -8.26 -45.13 15.32
N ILE D 213 -8.60 -46.42 15.18
CA ILE D 213 -9.05 -47.21 16.31
C ILE D 213 -7.95 -47.18 17.39
N ASP D 214 -6.70 -47.49 17.03
CA ASP D 214 -5.56 -47.50 17.93
C ASP D 214 -5.30 -46.10 18.48
N GLN D 215 -5.48 -45.08 17.63
CA GLN D 215 -5.21 -43.69 18.08
C GLN D 215 -6.11 -43.37 19.27
N LEU D 216 -7.41 -43.65 19.14
CA LEU D 216 -8.39 -43.37 20.20
C LEU D 216 -8.13 -44.22 21.47
N PHE D 217 -7.79 -45.48 21.32
CA PHE D 217 -7.58 -46.38 22.48
C PHE D 217 -6.45 -45.87 23.37
N ARG D 218 -5.43 -45.23 22.79
CA ARG D 218 -4.28 -44.68 23.55
C ARG D 218 -4.73 -43.46 24.36
N ILE D 219 -5.78 -42.79 23.90
CA ILE D 219 -6.33 -41.64 24.67
C ILE D 219 -7.30 -42.22 25.71
N PHE D 220 -8.17 -43.14 25.29
CA PHE D 220 -9.18 -43.70 26.22
C PHE D 220 -8.45 -44.19 27.44
N ARG D 221 -7.28 -44.79 27.23
CA ARG D 221 -6.49 -45.33 28.36
C ARG D 221 -6.11 -44.20 29.30
N THR D 222 -5.47 -43.15 28.78
CA THR D 222 -4.97 -42.08 29.66
C THR D 222 -6.13 -41.46 30.39
N LEU D 223 -7.31 -41.50 29.80
CA LEU D 223 -8.51 -40.90 30.46
C LEU D 223 -8.71 -41.56 31.84
N GLY D 224 -8.88 -42.87 31.88
CA GLY D 224 -9.16 -43.59 33.14
C GLY D 224 -10.25 -44.62 32.94
N THR D 225 -10.80 -45.17 34.02
CA THR D 225 -11.82 -46.20 33.91
C THR D 225 -13.19 -45.54 33.97
N PRO D 226 -14.31 -46.17 33.49
CA PRO D 226 -15.59 -45.47 33.33
C PRO D 226 -16.20 -44.96 34.63
N ASP D 227 -16.97 -43.86 34.53
CA ASP D 227 -17.70 -43.29 35.65
C ASP D 227 -19.19 -43.38 35.34
N GLU D 228 -19.65 -42.50 34.44
CA GLU D 228 -21.06 -42.36 34.07
C GLU D 228 -21.29 -42.78 32.62
N VAL D 229 -20.67 -42.05 31.69
CA VAL D 229 -20.65 -42.41 30.26
C VAL D 229 -19.61 -43.53 30.08
N VAL D 230 -20.09 -44.74 29.73
CA VAL D 230 -19.34 -45.99 29.82
C VAL D 230 -18.39 -46.18 28.63
N TRP D 231 -18.91 -46.03 27.42
CA TRP D 231 -18.00 -46.07 26.26
C TRP D 231 -17.75 -44.64 25.81
N PRO D 232 -16.49 -44.16 25.81
CA PRO D 232 -16.21 -42.79 25.46
C PRO D 232 -16.15 -42.51 23.96
N GLY D 233 -16.27 -43.55 23.14
CA GLY D 233 -16.22 -43.41 21.68
C GLY D 233 -17.52 -42.85 21.15
N VAL D 234 -17.96 -41.74 21.73
CA VAL D 234 -19.26 -41.14 21.34
C VAL D 234 -19.07 -39.65 21.02
N THR D 235 -19.72 -39.16 19.96
CA THR D 235 -19.64 -37.74 19.58
C THR D 235 -20.09 -36.88 20.74
N SER D 236 -20.75 -37.36 21.69
CA SER D 236 -21.16 -36.57 22.88
C SER D 236 -19.96 -36.57 23.80
N MET D 237 -19.05 -35.72 23.64
CA MET D 237 -17.80 -35.70 24.43
C MET D 237 -18.10 -35.85 25.91
N PRO D 238 -17.79 -37.00 26.52
CA PRO D 238 -18.00 -37.16 27.95
C PRO D 238 -16.94 -36.38 28.71
N ASP D 239 -17.19 -36.12 29.99
CA ASP D 239 -16.23 -35.33 30.81
C ASP D 239 -15.17 -36.24 31.42
N TYR D 240 -14.01 -36.33 30.79
CA TYR D 240 -12.85 -37.06 31.29
C TYR D 240 -11.55 -36.30 30.99
N LYS D 241 -10.76 -36.02 32.04
CA LYS D 241 -9.43 -35.44 31.90
C LYS D 241 -8.41 -36.54 32.22
N PRO D 242 -7.31 -36.72 31.44
CA PRO D 242 -6.32 -37.77 31.73
C PRO D 242 -5.38 -37.56 32.94
N SER D 243 -4.80 -38.70 33.35
CA SER D 243 -3.78 -38.67 34.42
C SER D 243 -2.50 -39.22 33.78
N PHE D 244 -1.34 -38.84 34.30
CA PHE D 244 -0.02 -39.22 33.78
C PHE D 244 1.04 -39.41 34.87
N PRO D 245 0.76 -40.06 36.03
CA PRO D 245 1.66 -39.97 37.19
C PRO D 245 3.14 -40.34 36.99
N PRO D 258 9.85 -36.59 34.69
CA PRO D 258 10.67 -35.42 35.00
C PRO D 258 9.95 -34.07 34.85
N LEU D 259 8.65 -34.05 35.18
CA LEU D 259 7.77 -32.90 34.98
C LEU D 259 7.13 -32.53 36.31
N ASP D 260 7.42 -31.31 36.81
CA ASP D 260 6.94 -30.86 38.12
C ASP D 260 5.41 -30.82 38.12
N GLU D 261 4.81 -30.88 39.32
CA GLU D 261 3.37 -31.01 39.54
C GLU D 261 2.57 -30.08 38.63
N ASP D 262 3.11 -28.86 38.45
CA ASP D 262 2.55 -27.82 37.62
C ASP D 262 2.54 -28.28 36.16
N GLY D 263 3.71 -28.77 35.71
CA GLY D 263 3.87 -29.28 34.37
C GLY D 263 2.79 -30.29 34.03
N ARG D 264 2.51 -31.18 34.99
CA ARG D 264 1.61 -32.29 34.76
C ARG D 264 0.18 -31.79 34.65
N SER D 265 -0.13 -30.75 35.43
CA SER D 265 -1.44 -30.12 35.39
C SER D 265 -1.67 -29.49 34.02
N LEU D 266 -0.80 -28.54 33.64
CA LEU D 266 -0.90 -27.86 32.37
C LEU D 266 -1.20 -28.88 31.28
N LEU D 267 -0.42 -29.97 31.29
CA LEU D 267 -0.52 -31.00 30.26
C LEU D 267 -1.94 -31.54 30.19
N SER D 268 -2.51 -31.89 31.35
CA SER D 268 -3.79 -32.59 31.36
C SER D 268 -4.94 -31.62 31.12
N GLN D 269 -4.63 -30.32 31.28
CA GLN D 269 -5.57 -29.27 30.91
C GLN D 269 -5.56 -29.12 29.39
N MET D 270 -4.38 -29.24 28.78
CA MET D 270 -4.21 -29.17 27.34
C MET D 270 -4.77 -30.43 26.68
N LEU D 271 -4.84 -31.53 27.44
CA LEU D 271 -5.31 -32.81 26.92
C LEU D 271 -6.64 -33.24 27.51
N HIS D 272 -7.52 -32.29 27.87
CA HIS D 272 -8.80 -32.61 28.50
C HIS D 272 -9.70 -33.16 27.41
N TYR D 273 -10.44 -34.22 27.73
CA TYR D 273 -11.16 -34.95 26.69
C TYR D 273 -12.33 -34.12 26.16
N ASP D 274 -12.98 -33.36 27.06
CA ASP D 274 -14.04 -32.43 26.67
C ASP D 274 -13.40 -31.15 26.12
N PRO D 275 -13.63 -30.80 24.83
CA PRO D 275 -13.10 -29.57 24.22
C PRO D 275 -13.47 -28.25 24.88
N ASN D 276 -14.64 -28.21 25.53
CA ASN D 276 -15.13 -26.98 26.14
C ASN D 276 -14.35 -26.69 27.42
N LYS D 277 -13.72 -27.71 28.02
CA LYS D 277 -13.04 -27.55 29.29
C LYS D 277 -11.53 -27.51 29.10
N ARG D 278 -11.05 -27.84 27.88
CA ARG D 278 -9.64 -27.84 27.54
C ARG D 278 -9.12 -26.41 27.63
N ILE D 279 -7.88 -26.24 28.11
CA ILE D 279 -7.38 -24.89 28.36
C ILE D 279 -7.30 -24.12 27.04
N SER D 280 -7.49 -22.80 27.11
CA SER D 280 -7.21 -21.96 25.95
C SER D 280 -5.72 -21.62 25.94
N ALA D 281 -5.20 -21.26 24.76
CA ALA D 281 -3.80 -20.83 24.68
C ALA D 281 -3.57 -19.66 25.64
N LYS D 282 -4.48 -18.66 25.60
CA LYS D 282 -4.43 -17.50 26.47
C LYS D 282 -4.32 -17.91 27.92
N ALA D 283 -5.23 -18.79 28.35
CA ALA D 283 -5.21 -19.31 29.72
C ALA D 283 -3.86 -19.96 30.05
N ALA D 284 -3.42 -20.90 29.20
CA ALA D 284 -2.18 -21.61 29.40
C ALA D 284 -1.01 -20.63 29.60
N LEU D 285 -1.04 -19.50 28.91
CA LEU D 285 0.05 -18.54 28.99
C LEU D 285 0.23 -18.01 30.41
N ALA D 286 -0.85 -18.05 31.22
CA ALA D 286 -0.81 -17.55 32.58
C ALA D 286 -0.63 -18.67 33.61
N HIS D 287 -0.59 -19.92 33.14
CA HIS D 287 -0.44 -21.04 34.06
C HIS D 287 0.81 -20.83 34.92
N PRO D 288 0.76 -21.27 36.21
CA PRO D 288 1.94 -21.30 37.09
C PRO D 288 3.24 -21.85 36.51
N PHE D 289 3.13 -22.77 35.53
CA PHE D 289 4.27 -23.41 34.90
C PHE D 289 5.23 -22.33 34.39
N PHE D 290 4.68 -21.22 33.86
CA PHE D 290 5.53 -20.26 33.17
C PHE D 290 5.91 -19.07 34.06
N GLN D 291 5.87 -19.20 35.38
CA GLN D 291 6.22 -18.05 36.21
C GLN D 291 7.69 -17.66 36.02
N ASP D 292 8.56 -18.66 35.84
CA ASP D 292 10.00 -18.48 35.94
C ASP D 292 10.61 -18.49 34.55
N VAL D 293 9.75 -18.53 33.54
CA VAL D 293 10.15 -18.93 32.20
C VAL D 293 11.15 -17.92 31.65
N THR D 294 12.21 -18.43 31.00
CA THR D 294 13.28 -17.64 30.42
C THR D 294 13.45 -18.03 28.95
N LYS D 295 14.55 -17.62 28.31
CA LYS D 295 14.71 -17.90 26.89
C LYS D 295 16.11 -18.43 26.56
N PRO D 296 16.44 -19.70 26.89
CA PRO D 296 17.75 -20.28 26.58
C PRO D 296 17.97 -20.48 25.08
N VAL D 297 19.25 -20.53 24.67
CA VAL D 297 19.60 -20.90 23.31
C VAL D 297 19.75 -22.42 23.26
N PRO D 298 19.56 -23.08 22.09
CA PRO D 298 19.65 -24.54 21.99
C PRO D 298 21.05 -25.03 21.63
N HIS D 299 21.25 -26.35 21.75
CA HIS D 299 22.53 -27.04 21.63
C HIS D 299 22.68 -27.63 20.23
N LEU D 300 23.01 -26.78 19.24
CA LEU D 300 23.17 -27.19 17.86
C LEU D 300 24.67 -27.09 17.47
N1 PYZ E . -26.00 -13.82 -18.39
N2 PYZ E . -26.59 -14.36 -17.27
C3 PYZ E . -26.02 -13.90 -16.16
C4 PYZ E . -25.04 -13.06 -16.59
I4 PYZ E . -23.78 -12.04 -15.32
C5 PYZ E . -25.04 -13.02 -17.97
N1 PYZ F . -16.11 31.43 -13.82
N2 PYZ F . -14.88 30.91 -13.69
C3 PYZ F . -14.95 29.56 -13.57
C4 PYZ F . -16.29 29.18 -13.63
I4 PYZ F . -17.08 27.26 -13.51
C5 PYZ F . -16.98 30.40 -13.75
N1 PYZ G . -2.35 7.26 -25.18
N1 PYZ G . -2.20 7.27 -24.94
N2 PYZ G . -1.46 7.49 -26.18
N2 PYZ G . -1.40 7.19 -23.85
C3 PYZ G . -0.24 7.75 -25.67
C3 PYZ G . -0.14 7.55 -24.14
C4 PYZ G . -0.32 7.64 -24.30
C4 PYZ G . -0.13 7.88 -25.47
I4 PYZ G . 1.20 7.90 -22.92
I4 PYZ G . 1.50 8.52 -26.55
C5 PYZ G . -1.67 7.34 -24.04
C5 PYZ G . -1.43 7.68 -25.94
N1 PYZ H . 4.45 -7.49 -24.92
N1 PYZ H . 6.92 -0.73 -28.01
N2 PYZ H . 3.18 -7.41 -25.30
N2 PYZ H . 6.44 -0.14 -26.89
C3 PYZ H . 2.92 -6.26 -25.89
C3 PYZ H . 5.64 -0.96 -26.21
C4 PYZ H . 4.09 -5.55 -25.90
C4 PYZ H . 5.58 -2.12 -26.93
I4 PYZ H . 4.39 -3.63 -26.64
I4 PYZ H . 4.51 -3.80 -26.44
C5 PYZ H . 5.03 -6.36 -25.28
C5 PYZ H . 6.40 -1.93 -28.05
N1 PYZ I . -12.81 28.83 -32.48
N2 PYZ I . -11.81 29.39 -33.20
C3 PYZ I . -11.62 30.66 -32.82
C4 PYZ I . -12.54 30.91 -31.83
I4 PYZ I . -12.77 32.70 -30.84
C5 PYZ I . -13.25 29.74 -31.63
N1 PYZ J . 33.59 -0.42 6.03
N2 PYZ J . 33.45 -0.98 4.81
C3 PYZ J . 32.72 -0.20 4.00
C4 PYZ J . 32.39 0.94 4.73
I4 PYZ J . 31.24 2.54 4.06
C5 PYZ J . 32.94 0.74 6.01
N1 PYZ K . 30.52 -2.87 8.00
N2 PYZ K . 30.47 -1.86 8.90
C3 PYZ K . 30.00 -0.72 8.35
C4 PYZ K . 29.74 -1.04 7.06
I4 PYZ K . 28.95 0.30 5.69
C5 PYZ K . 30.05 -2.39 6.88
N1 PYZ L . 8.70 -2.80 -10.60
N2 PYZ L . 9.06 -1.84 -9.72
C3 PYZ L . 10.32 -1.46 -9.95
C4 PYZ L . 10.82 -2.20 -11.05
I4 PYZ L . 12.69 -2.15 -11.95
C5 PYZ L . 9.74 -3.03 -11.39
N1 PYZ M . 2.94 6.32 -1.38
N1 PYZ M . 6.57 8.67 -5.42
N2 PYZ M . 3.70 5.86 -0.37
N2 PYZ M . 5.40 8.05 -5.17
C3 PYZ M . 4.82 6.59 -0.23
C3 PYZ M . 5.11 8.07 -3.86
C4 PYZ M . 4.77 7.55 -1.20
C4 PYZ M . 6.17 8.70 -3.25
I4 PYZ M . 6.18 9.02 -1.52
I4 PYZ M . 6.26 9.02 -1.20
C5 PYZ M . 3.58 7.35 -1.90
C5 PYZ M . 7.06 9.06 -4.25
N1 PYZ N . 12.70 -23.70 6.63
N1 PYZ N . 11.05 -26.75 6.06
N2 PYZ N . 12.80 -22.40 6.87
N2 PYZ N . 10.09 -27.08 5.21
C3 PYZ N . 11.65 -21.78 6.61
C3 PYZ N . 9.45 -25.98 4.78
C4 PYZ N . 10.77 -22.73 6.18
C4 PYZ N . 10.06 -24.89 5.34
I4 PYZ N . 8.81 -22.46 5.60
I4 PYZ N . 9.57 -22.90 5.05
C5 PYZ N . 11.48 -23.93 6.22
C5 PYZ N . 11.06 -25.41 6.14
N1 PYZ O . -13.03 -47.75 28.43
N2 PYZ O . -11.79 -47.24 28.29
C3 PYZ O . -11.71 -46.01 28.82
C4 PYZ O . -12.97 -45.71 29.32
I4 PYZ O . -13.53 -43.96 30.29
C5 PYZ O . -13.76 -46.84 29.07
N1 PYZ P . 15.26 -20.05 -8.97
N2 PYZ P . 16.02 -19.56 -7.99
C3 PYZ P . 15.84 -20.27 -6.87
C4 PYZ P . 14.92 -21.28 -7.16
I4 PYZ P . 14.18 -22.70 -5.84
C5 PYZ P . 14.58 -21.09 -8.49
N1 EPE Q . 2.53 -10.04 -1.21
C2 EPE Q . 2.61 -8.79 -2.01
C3 EPE Q . 1.65 -8.84 -3.17
N4 EPE Q . 1.64 -10.16 -3.85
C5 EPE Q . 1.25 -11.23 -2.91
C6 EPE Q . 1.28 -10.76 -1.48
C7 EPE Q . 0.73 -10.12 -5.00
C8 EPE Q . 1.27 -9.43 -6.25
O8 EPE Q . 1.58 -8.07 -6.04
C9 EPE Q . 3.69 -10.90 -1.43
C10 EPE Q . 4.62 -10.98 -0.24
S EPE Q . 3.78 -11.14 1.31
O1S EPE Q . 3.67 -9.80 1.81
O2S EPE Q . 4.76 -11.96 2.21
O3S EPE Q . 2.63 -11.95 1.07
#